data_4XMZ
#
_entry.id   4XMZ
#
_cell.length_a   120.638
_cell.length_b   120.638
_cell.length_c   171.304
_cell.angle_alpha   90.00
_cell.angle_beta   90.00
_cell.angle_gamma   120.00
#
_symmetry.space_group_name_H-M   'P 31 2 1'
#
loop_
_entity.id
_entity.type
_entity.pdbx_description
1 polymer 'Aminopeptidase N'
2 non-polymer 'ZINC ION'
3 non-polymer 'SODIUM ION'
4 non-polymer '2,4-DIAMINOBUTYRIC ACID'
5 non-polymer GLYCEROL
6 water water
#
_entity_poly.entity_id   1
_entity_poly.type   'polypeptide(L)'
_entity_poly.pdbx_seq_one_letter_code
;QPQAKYRHDYRAPDYQITDIDLTFDLDAQKTVVTAVSQAVRHGASDAPLRLNGEDLKLVSVHINDEPWTAWKEEEGALVI
SNLPERFTLKIINEISPAANTALEGLYQSGDALCTQCEAEGFRHITYYLDRPDVLARFTTKIIADKIKYPFLLSNGNRVA
QGELENGRHWVQWQDPFPKPCYLFALVAGDFDVLRDTFTTRSGREVALELYVDRGNLDRAPWAMTSLKNSMKWDEERFGL
EYDLDIYMIVAVDFFNAGAMENKGLNIFNSKYVLARTDTATDKDYLDIERVIGHEYFHNWTGNRVTCRDWFQLSLKEGLT
VFRDQEFSSDLGSRAVNRINNVRTMRGLQFAEDASPMAHPIRPDMVIEMNNFYTLTVYEKGAEVIRMIHTLLGEENFQKG
MQLYFERHDGSAATCDDFVQAMEDASNVDLSHFRRWYSQSGTPIVTVKDDYNPETEQYTLTISQRTPATPDQAEKQPLHI
PFAIELYDNEGKVIPLQKGGHPVNSVLNVTQAEQTFVFDNVYFQPVPALLCEFSAPVKLEYKWSDQQLTFLMRHARNDFS
RWDAAQSLLATYIKLNVARHQQGQPLSLPVHVADAFRAVLLDEKIDPALAAEILTLPSVNEMAELFDIIDPIAIAEVREA
LTRTLATELADELLAIYNANYQSEYRVEHEDIAKRTLRNACLRFLAFGETHLADVLVSKQFHEANNMTDALAALSAAVAA
QLPCRDALMQEYDDKWHQNGLVMDKWFILQATSPAANVLETVRGLLQHRSFTMSNPNRIRSLIGAFAGSNPAAFHAEDGS
GYLFLVEMLTDLNSRNPQVASRLIEPLIRLKRYDAKRQEKMRAALEQLKGLENLSGDLYEKITKALA
;
_entity_poly.pdbx_strand_id   A
#
loop_
_chem_comp.id
_chem_comp.type
_chem_comp.name
_chem_comp.formula
GOL non-polymer GLYCEROL 'C3 H8 O3'
NA non-polymer 'SODIUM ION' 'Na 1'
ZN non-polymer 'ZINC ION' 'Zn 2'
#
# COMPACT_ATOMS: atom_id res chain seq x y z
N GLN A 1 -9.55 28.13 3.52
CA GLN A 1 -11.02 27.92 3.34
C GLN A 1 -11.55 26.53 2.76
N PRO A 2 -10.71 25.61 2.18
CA PRO A 2 -11.42 24.30 1.86
C PRO A 2 -12.05 23.60 3.12
N GLN A 3 -13.26 23.12 2.98
CA GLN A 3 -14.08 22.83 4.17
C GLN A 3 -14.02 21.30 4.59
N ALA A 4 -13.91 20.96 5.87
CA ALA A 4 -13.98 19.56 6.26
C ALA A 4 -15.38 18.91 6.14
N LYS A 5 -15.41 17.65 5.75
CA LYS A 5 -16.63 16.84 5.66
CA LYS A 5 -16.64 16.89 5.70
C LYS A 5 -16.58 15.85 6.80
N TYR A 6 -17.75 15.50 7.36
CA TYR A 6 -17.85 14.68 8.56
C TYR A 6 -18.68 13.45 8.33
N ARG A 7 -18.20 12.32 8.81
CA ARG A 7 -18.93 11.06 8.69
C ARG A 7 -20.37 11.12 9.26
N HIS A 8 -20.52 11.77 10.41
CA HIS A 8 -21.84 11.93 11.01
C HIS A 8 -22.80 12.77 10.18
N ASP A 9 -22.34 13.50 9.19
CA ASP A 9 -23.21 14.22 8.27
C ASP A 9 -23.86 13.36 7.21
N TYR A 10 -23.55 12.09 7.12
CA TYR A 10 -24.03 11.31 6.00
C TYR A 10 -25.55 11.40 5.95
N ARG A 11 -26.13 11.63 4.78
CA ARG A 11 -27.57 11.49 4.55
C ARG A 11 -27.82 10.88 3.17
N ALA A 12 -28.89 10.11 3.10
CA ALA A 12 -29.33 9.50 1.88
C ALA A 12 -29.56 10.60 0.77
N PRO A 13 -29.29 10.23 -0.47
CA PRO A 13 -29.32 11.31 -1.51
C PRO A 13 -30.75 11.69 -1.85
N ASP A 14 -30.98 12.98 -2.10
CA ASP A 14 -32.30 13.50 -2.51
C ASP A 14 -32.70 12.95 -3.87
N TYR A 15 -31.71 12.70 -4.73
CA TYR A 15 -31.93 12.11 -6.01
C TYR A 15 -31.01 10.95 -6.27
N GLN A 16 -31.55 9.99 -7.00
CA GLN A 16 -30.80 8.88 -7.57
C GLN A 16 -30.75 9.01 -9.07
N ILE A 17 -29.72 8.41 -9.64
CA ILE A 17 -29.60 8.27 -11.07
C ILE A 17 -29.47 6.79 -11.27
N THR A 18 -30.32 6.24 -12.11
CA THR A 18 -30.42 4.79 -12.29
C THR A 18 -29.69 4.30 -13.52
N ASP A 19 -29.63 5.14 -14.55
CA ASP A 19 -29.08 4.77 -15.84
C ASP A 19 -28.43 6.00 -16.44
N ILE A 20 -27.28 5.83 -17.03
CA ILE A 20 -26.61 6.95 -17.68
C ILE A 20 -26.02 6.49 -19.02
N ASP A 21 -26.27 7.28 -20.04
CA ASP A 21 -25.78 7.08 -21.36
C ASP A 21 -24.80 8.22 -21.66
N LEU A 22 -23.56 7.89 -21.94
CA LEU A 22 -22.50 8.87 -22.14
C LEU A 22 -22.05 8.82 -23.56
N THR A 23 -21.76 9.95 -24.14
CA THR A 23 -21.07 10.00 -25.42
C THR A 23 -19.86 10.92 -25.24
N PHE A 24 -18.71 10.48 -25.72
CA PHE A 24 -17.55 11.28 -25.77
C PHE A 24 -17.15 11.50 -27.20
N ASP A 25 -17.03 12.76 -27.58
CA ASP A 25 -16.34 13.12 -28.81
C ASP A 25 -14.90 13.51 -28.40
N LEU A 26 -13.96 12.58 -28.56
CA LEU A 26 -12.71 12.66 -27.92
C LEU A 26 -11.71 13.46 -28.70
N ASP A 27 -11.04 14.36 -27.99
CA ASP A 27 -9.87 15.03 -28.52
C ASP A 27 -9.07 15.56 -27.34
N ALA A 28 -7.76 15.53 -27.50
CA ALA A 28 -6.86 15.93 -26.44
C ALA A 28 -7.05 17.35 -26.00
N GLN A 29 -7.24 18.30 -26.93
CA GLN A 29 -7.47 19.68 -26.54
C GLN A 29 -8.91 19.94 -26.08
N LYS A 30 -9.88 19.31 -26.73
CA LYS A 30 -11.27 19.56 -26.39
C LYS A 30 -12.17 18.35 -26.60
N THR A 31 -12.57 17.72 -25.50
CA THR A 31 -13.45 16.59 -25.54
C THR A 31 -14.84 17.09 -25.23
N VAL A 32 -15.81 16.69 -26.03
CA VAL A 32 -17.20 17.07 -25.79
C VAL A 32 -17.91 15.87 -25.19
N VAL A 33 -18.49 16.05 -24.03
CA VAL A 33 -19.14 14.99 -23.27
C VAL A 33 -20.63 15.24 -23.33
N THR A 34 -21.41 14.25 -23.75
CA THR A 34 -22.87 14.31 -23.65
C THR A 34 -23.34 13.21 -22.67
N ALA A 35 -24.08 13.58 -21.65
CA ALA A 35 -24.50 12.65 -20.62
C ALA A 35 -26.03 12.71 -20.39
N VAL A 36 -26.70 11.60 -20.68
CA VAL A 36 -28.13 11.49 -20.53
C VAL A 36 -28.37 10.57 -19.36
N SER A 37 -28.99 11.07 -18.31
CA SER A 37 -29.16 10.38 -17.05
C SER A 37 -30.65 10.23 -16.75
N GLN A 38 -31.07 9.06 -16.30
CA GLN A 38 -32.40 8.88 -15.76
C GLN A 38 -32.41 9.04 -14.26
N ALA A 39 -33.11 10.07 -13.81
CA ALA A 39 -33.13 10.46 -12.42
C ALA A 39 -34.48 10.24 -11.76
N VAL A 40 -34.39 10.01 -10.48
CA VAL A 40 -35.51 9.74 -9.61
C VAL A 40 -35.32 10.46 -8.28
N ARG A 41 -36.33 11.29 -7.93
CA ARG A 41 -36.35 11.94 -6.62
C ARG A 41 -36.75 11.01 -5.50
N HIS A 42 -35.93 10.99 -4.46
CA HIS A 42 -36.20 10.22 -3.24
C HIS A 42 -36.46 11.21 -2.09
N GLY A 43 -35.93 12.44 -2.16
CA GLY A 43 -36.09 13.40 -1.05
C GLY A 43 -37.33 14.28 -1.14
N ALA A 44 -37.31 15.41 -0.44
CA ALA A 44 -38.46 16.33 -0.43
C ALA A 44 -38.73 16.85 -1.85
N SER A 45 -39.98 17.13 -2.15
CA SER A 45 -40.35 17.47 -3.53
C SER A 45 -39.83 18.85 -3.98
N ASP A 46 -39.50 19.72 -3.05
CA ASP A 46 -38.89 20.99 -3.36
C ASP A 46 -37.37 20.98 -3.34
N ALA A 47 -36.76 19.82 -3.15
CA ALA A 47 -35.28 19.75 -3.12
C ALA A 47 -34.70 19.87 -4.49
N PRO A 48 -33.70 20.73 -4.64
CA PRO A 48 -33.07 20.85 -5.93
C PRO A 48 -32.10 19.69 -6.15
N LEU A 49 -31.81 19.37 -7.40
CA LEU A 49 -30.77 18.41 -7.73
C LEU A 49 -29.43 19.15 -7.67
N ARG A 50 -28.47 18.63 -6.88
CA ARG A 50 -27.15 19.24 -6.71
C ARG A 50 -26.09 18.38 -7.32
N LEU A 51 -25.56 18.79 -8.47
CA LEU A 51 -24.59 17.98 -9.15
C LEU A 51 -23.23 18.54 -8.87
N ASN A 52 -22.25 17.65 -8.72
CA ASN A 52 -20.86 18.02 -8.58
C ASN A 52 -20.20 18.22 -9.90
N GLY A 53 -19.35 19.22 -10.00
CA GLY A 53 -18.60 19.43 -11.25
C GLY A 53 -17.37 20.29 -11.01
N GLU A 54 -16.29 20.00 -11.73
CA GLU A 54 -15.02 20.71 -11.58
C GLU A 54 -14.40 20.94 -12.95
N ASP A 55 -14.04 22.20 -13.21
CA ASP A 55 -13.36 22.55 -14.45
C ASP A 55 -14.11 22.05 -15.66
N LEU A 56 -15.41 22.26 -15.66
CA LEU A 56 -16.21 21.89 -16.78
C LEU A 56 -16.70 23.11 -17.51
N LYS A 57 -16.83 23.02 -18.81
CA LYS A 57 -17.43 24.09 -19.56
C LYS A 57 -18.80 23.67 -19.98
N LEU A 58 -19.79 24.23 -19.33
CA LEU A 58 -21.19 23.81 -19.59
C LEU A 58 -21.68 24.38 -20.89
N VAL A 59 -22.23 23.54 -21.75
CA VAL A 59 -22.77 23.90 -23.03
C VAL A 59 -24.29 23.93 -22.93
N SER A 60 -24.93 22.93 -22.32
CA SER A 60 -26.39 22.89 -22.26
C SER A 60 -26.92 21.99 -21.23
N VAL A 61 -28.13 22.32 -20.78
CA VAL A 61 -28.86 21.55 -19.78
C VAL A 61 -30.29 21.38 -20.30
N HIS A 62 -30.76 20.14 -20.43
CA HIS A 62 -32.14 19.87 -20.80
C HIS A 62 -32.74 18.90 -19.78
N ILE A 63 -34.05 19.02 -19.56
CA ILE A 63 -34.81 18.10 -18.74
C ILE A 63 -35.93 17.63 -19.65
N ASN A 64 -36.02 16.35 -19.90
CA ASN A 64 -36.93 15.80 -20.89
C ASN A 64 -36.90 16.50 -22.21
N ASP A 65 -35.69 16.77 -22.69
CA ASP A 65 -35.47 17.54 -23.93
C ASP A 65 -35.91 19.02 -23.93
N GLU A 66 -36.31 19.56 -22.78
CA GLU A 66 -36.64 20.96 -22.70
C GLU A 66 -35.38 21.68 -22.21
N PRO A 67 -34.90 22.70 -22.95
CA PRO A 67 -33.85 23.59 -22.43
C PRO A 67 -34.27 24.24 -21.08
N TRP A 68 -33.49 24.01 -20.04
CA TRP A 68 -33.89 24.32 -18.71
C TRP A 68 -33.38 25.73 -18.36
N THR A 69 -34.20 26.49 -17.65
CA THR A 69 -33.85 27.83 -17.24
C THR A 69 -33.64 27.89 -15.72
N ALA A 70 -34.20 26.94 -14.97
CA ALA A 70 -34.15 26.98 -13.52
C ALA A 70 -32.92 26.27 -12.93
N TRP A 71 -31.76 26.88 -13.12
CA TRP A 71 -30.48 26.30 -12.66
C TRP A 71 -29.45 27.39 -12.40
N LYS A 72 -28.42 27.08 -11.62
CA LYS A 72 -27.34 27.97 -11.41
C LYS A 72 -26.12 27.14 -11.28
N GLU A 73 -25.00 27.66 -11.78
CA GLU A 73 -23.65 27.15 -11.43
C GLU A 73 -23.14 27.88 -10.18
N GLU A 74 -22.53 27.13 -9.28
CA GLU A 74 -21.90 27.65 -8.10
C GLU A 74 -20.56 26.92 -7.98
N GLU A 75 -19.82 27.21 -6.94
CA GLU A 75 -18.49 26.67 -6.75
C GLU A 75 -18.64 25.15 -6.67
N GLY A 76 -18.07 24.48 -7.66
CA GLY A 76 -18.04 23.04 -7.70
C GLY A 76 -19.38 22.33 -7.99
N ALA A 77 -20.37 23.08 -8.45
CA ALA A 77 -21.71 22.51 -8.56
C ALA A 77 -22.60 23.10 -9.64
N LEU A 78 -23.63 22.33 -9.96
CA LEU A 78 -24.67 22.78 -10.80
C LEU A 78 -25.91 22.39 -10.09
N VAL A 79 -26.74 23.40 -9.75
CA VAL A 79 -27.87 23.25 -8.93
C VAL A 79 -29.12 23.46 -9.76
N ILE A 80 -29.97 22.44 -9.82
CA ILE A 80 -31.11 22.46 -10.75
C ILE A 80 -32.35 22.37 -9.95
N SER A 81 -33.19 23.39 -10.09
CA SER A 81 -34.45 23.53 -9.38
C SER A 81 -35.69 23.13 -10.14
N ASN A 82 -36.75 22.86 -9.36
CA ASN A 82 -38.11 22.82 -9.84
C ASN A 82 -38.37 21.63 -10.79
N LEU A 83 -37.90 20.47 -10.36
CA LEU A 83 -37.92 19.31 -11.19
C LEU A 83 -39.09 18.40 -10.95
N PRO A 84 -39.48 17.64 -11.98
CA PRO A 84 -40.41 16.53 -11.71
C PRO A 84 -39.76 15.44 -10.84
N GLU A 85 -40.59 14.48 -10.44
CA GLU A 85 -40.19 13.39 -9.60
C GLU A 85 -39.25 12.42 -10.34
N ARG A 86 -39.47 12.21 -11.63
CA ARG A 86 -38.69 11.31 -12.49
C ARG A 86 -38.47 12.10 -13.77
N PHE A 87 -37.27 12.09 -14.33
CA PHE A 87 -37.04 12.79 -15.60
C PHE A 87 -35.74 12.35 -16.21
N THR A 88 -35.51 12.74 -17.47
CA THR A 88 -34.26 12.56 -18.11
C THR A 88 -33.45 13.83 -18.10
N LEU A 89 -32.27 13.81 -17.52
CA LEU A 89 -31.37 14.98 -17.50
C LEU A 89 -30.41 14.82 -18.65
N LYS A 90 -30.22 15.84 -19.48
CA LYS A 90 -29.13 15.83 -20.46
C LYS A 90 -28.20 17.00 -20.30
N ILE A 91 -26.91 16.72 -20.07
CA ILE A 91 -25.86 17.72 -19.94
C ILE A 91 -24.91 17.57 -21.10
N ILE A 92 -24.52 18.68 -21.75
CA ILE A 92 -23.38 18.70 -22.64
C ILE A 92 -22.37 19.64 -22.06
N ASN A 93 -21.14 19.17 -21.94
CA ASN A 93 -20.05 19.96 -21.48
C ASN A 93 -18.74 19.64 -22.16
N GLU A 94 -17.78 20.53 -22.03
CA GLU A 94 -16.48 20.31 -22.60
C GLU A 94 -15.46 20.25 -21.51
N ILE A 95 -14.41 19.47 -21.76
CA ILE A 95 -13.23 19.34 -20.89
C ILE A 95 -11.96 19.29 -21.75
N SER A 96 -10.77 19.37 -21.14
CA SER A 96 -9.54 19.46 -21.89
C SER A 96 -8.50 18.51 -21.33
N PRO A 97 -8.45 17.29 -21.86
CA PRO A 97 -7.52 16.30 -21.31
C PRO A 97 -6.04 16.70 -21.26
N ALA A 98 -5.62 17.40 -22.28
CA ALA A 98 -4.23 17.84 -22.39
C ALA A 98 -3.85 18.83 -21.31
N ALA A 99 -4.75 19.68 -20.85
CA ALA A 99 -4.41 20.54 -19.72
C ALA A 99 -4.39 19.82 -18.35
N ASN A 100 -4.76 18.55 -18.28
CA ASN A 100 -4.99 17.88 -16.97
C ASN A 100 -3.68 17.28 -16.42
N THR A 101 -2.92 18.06 -15.67
CA THR A 101 -1.64 17.59 -15.12
C THR A 101 -1.81 16.84 -13.80
N ALA A 102 -2.98 16.98 -13.18
CA ALA A 102 -3.20 16.37 -11.90
C ALA A 102 -3.53 14.90 -12.03
N LEU A 103 -3.84 14.45 -13.25
CA LEU A 103 -4.13 13.03 -13.60
C LEU A 103 -5.36 12.50 -12.83
N GLU A 104 -6.38 13.30 -12.78
CA GLU A 104 -7.66 12.93 -12.20
C GLU A 104 -8.76 13.35 -13.20
N GLY A 105 -9.72 12.48 -13.49
CA GLY A 105 -10.66 12.69 -14.55
C GLY A 105 -10.11 12.07 -15.80
N LEU A 106 -10.38 12.71 -16.93
CA LEU A 106 -9.82 12.33 -18.23
C LEU A 106 -8.56 13.10 -18.56
N TYR A 107 -7.48 12.38 -18.79
CA TYR A 107 -6.21 12.99 -19.03
C TYR A 107 -5.40 12.19 -20.01
N GLN A 108 -4.22 12.71 -20.28
CA GLN A 108 -3.37 12.16 -21.30
C GLN A 108 -2.19 11.42 -20.66
N SER A 109 -1.96 10.15 -21.05
CA SER A 109 -0.78 9.39 -20.65
C SER A 109 0.06 9.09 -21.91
N GLY A 110 1.07 9.90 -22.19
CA GLY A 110 1.84 9.74 -23.43
C GLY A 110 0.90 10.18 -24.56
N ASP A 111 0.70 9.30 -25.53
CA ASP A 111 -0.33 9.48 -26.59
C ASP A 111 -1.71 8.92 -26.29
N ALA A 112 -1.89 8.15 -25.21
CA ALA A 112 -3.19 7.64 -24.81
C ALA A 112 -4.02 8.66 -24.04
N LEU A 113 -5.34 8.50 -24.07
CA LEU A 113 -6.26 9.14 -23.13
C LEU A 113 -6.74 8.06 -22.21
N CYS A 114 -6.73 8.36 -20.92
CA CYS A 114 -7.30 7.44 -19.94
C CYS A 114 -7.89 8.24 -18.77
N THR A 115 -8.62 7.51 -17.93
CA THR A 115 -9.29 8.06 -16.81
C THR A 115 -8.77 7.60 -15.49
N GLN A 116 -8.95 8.45 -14.50
CA GLN A 116 -8.93 8.04 -13.10
C GLN A 116 -10.02 8.77 -12.31
N CYS A 117 -11.03 8.03 -11.84
CA CYS A 117 -12.21 8.59 -11.22
C CYS A 117 -12.30 8.40 -9.72
N GLU A 118 -11.57 7.49 -9.12
CA GLU A 118 -11.59 7.39 -7.65
C GLU A 118 -10.63 8.40 -7.05
N ALA A 119 -11.04 9.12 -6.01
CA ALA A 119 -12.40 9.10 -5.41
C ALA A 119 -13.47 9.93 -6.10
N GLU A 120 -13.08 11.16 -6.46
CA GLU A 120 -14.01 12.19 -6.92
C GLU A 120 -13.56 12.81 -8.26
N GLY A 121 -13.18 11.94 -9.16
CA GLY A 121 -12.68 12.33 -10.46
C GLY A 121 -13.72 12.44 -11.57
N PHE A 122 -14.81 11.71 -11.45
CA PHE A 122 -15.86 11.70 -12.45
C PHE A 122 -16.51 13.10 -12.61
N ARG A 123 -16.59 13.87 -11.53
CA ARG A 123 -17.05 15.26 -11.58
C ARG A 123 -16.12 16.17 -12.42
N HIS A 124 -14.90 15.71 -12.72
CA HIS A 124 -14.05 16.42 -13.70
C HIS A 124 -14.35 16.07 -15.13
N ILE A 125 -15.28 15.14 -15.34
CA ILE A 125 -15.70 14.73 -16.67
C ILE A 125 -17.10 15.27 -17.03
N THR A 126 -18.06 15.22 -16.10
CA THR A 126 -19.35 15.85 -16.34
C THR A 126 -20.02 16.14 -14.97
N TYR A 127 -21.12 16.91 -14.98
CA TYR A 127 -21.86 17.22 -13.80
C TYR A 127 -22.64 15.96 -13.37
N TYR A 128 -22.41 15.47 -12.16
CA TYR A 128 -23.04 14.20 -11.78
C TYR A 128 -23.17 14.13 -10.29
N LEU A 129 -23.87 13.11 -9.83
CA LEU A 129 -23.94 12.74 -8.42
C LEU A 129 -22.68 11.94 -8.09
N ASP A 130 -21.61 12.63 -7.80
CA ASP A 130 -20.31 11.96 -7.70
C ASP A 130 -20.11 11.56 -6.27
N ARG A 131 -20.85 10.53 -5.90
CA ARG A 131 -20.87 9.89 -4.58
C ARG A 131 -21.21 8.39 -4.74
N PRO A 132 -20.61 7.50 -3.96
CA PRO A 132 -20.61 6.09 -4.32
C PRO A 132 -21.86 5.30 -3.89
N ASP A 133 -22.79 5.96 -3.22
CA ASP A 133 -24.11 5.40 -2.98
C ASP A 133 -25.13 5.67 -4.09
N VAL A 134 -24.72 6.36 -5.16
CA VAL A 134 -25.53 6.47 -6.36
C VAL A 134 -24.98 5.47 -7.39
N LEU A 135 -25.74 4.44 -7.69
CA LEU A 135 -25.37 3.34 -8.56
C LEU A 135 -26.21 3.32 -9.84
N ALA A 136 -25.55 3.45 -10.98
CA ALA A 136 -26.22 3.66 -12.29
C ALA A 136 -25.68 2.62 -13.25
N ARG A 137 -26.54 2.18 -14.17
CA ARG A 137 -26.16 1.33 -15.28
C ARG A 137 -25.62 2.24 -16.36
N PHE A 138 -24.33 2.08 -16.70
CA PHE A 138 -23.65 2.86 -17.73
C PHE A 138 -23.71 2.25 -19.13
N THR A 139 -23.89 3.13 -20.09
CA THR A 139 -23.66 2.86 -21.54
C THR A 139 -22.78 3.97 -22.05
N THR A 140 -21.70 3.63 -22.74
CA THR A 140 -20.70 4.59 -23.09
C THR A 140 -20.30 4.47 -24.55
N LYS A 141 -20.53 5.53 -25.32
CA LYS A 141 -20.12 5.68 -26.71
C LYS A 141 -18.93 6.60 -26.82
N ILE A 142 -17.93 6.10 -27.52
CA ILE A 142 -16.67 6.81 -27.72
C ILE A 142 -16.42 7.02 -29.21
N ILE A 143 -16.16 8.26 -29.56
CA ILE A 143 -15.94 8.68 -30.95
C ILE A 143 -14.57 9.36 -30.99
N ALA A 144 -13.71 8.96 -31.93
CA ALA A 144 -12.39 9.45 -32.01
C ALA A 144 -11.72 9.20 -33.34
N ASP A 145 -10.61 9.88 -33.51
CA ASP A 145 -9.79 9.69 -34.71
C ASP A 145 -9.25 8.27 -34.71
N LYS A 146 -9.45 7.54 -35.81
CA LYS A 146 -9.10 6.14 -35.91
C LYS A 146 -7.60 5.91 -35.93
N ILE A 147 -6.83 6.79 -36.57
CA ILE A 147 -5.41 6.55 -36.61
C ILE A 147 -4.72 6.79 -35.22
N LYS A 148 -5.13 7.82 -34.53
CA LYS A 148 -4.59 8.20 -33.23
CA LYS A 148 -4.55 8.15 -33.22
C LYS A 148 -5.10 7.20 -32.15
N TYR A 149 -6.36 6.78 -32.27
CA TYR A 149 -7.03 6.02 -31.19
C TYR A 149 -7.79 4.84 -31.75
N PRO A 150 -7.05 3.81 -32.22
CA PRO A 150 -7.69 2.68 -32.82
C PRO A 150 -8.39 1.79 -31.81
N PHE A 151 -8.00 1.83 -30.53
CA PHE A 151 -8.70 1.13 -29.48
C PHE A 151 -9.46 2.13 -28.64
N LEU A 152 -10.75 1.89 -28.49
CA LEU A 152 -11.63 2.75 -27.71
C LEU A 152 -12.37 1.87 -26.68
N LEU A 153 -11.98 1.98 -25.43
CA LEU A 153 -12.39 1.03 -24.39
C LEU A 153 -13.15 1.71 -23.28
N SER A 154 -14.18 1.03 -22.79
CA SER A 154 -14.84 1.37 -21.56
C SER A 154 -15.30 0.11 -20.85
N ASN A 155 -15.91 0.28 -19.69
CA ASN A 155 -16.47 -0.84 -18.92
C ASN A 155 -17.46 -1.72 -19.65
N GLY A 156 -17.32 -3.04 -19.49
CA GLY A 156 -18.35 -3.99 -19.88
C GLY A 156 -18.12 -4.64 -21.23
N ASN A 157 -19.16 -4.73 -22.02
CA ASN A 157 -19.09 -5.40 -23.30
C ASN A 157 -19.31 -4.41 -24.45
N ARG A 158 -18.75 -4.71 -25.61
CA ARG A 158 -19.06 -3.98 -26.83
C ARG A 158 -20.43 -4.29 -27.36
N VAL A 159 -21.25 -3.29 -27.51
CA VAL A 159 -22.59 -3.50 -28.02
C VAL A 159 -22.84 -2.84 -29.41
N ALA A 160 -21.96 -1.92 -29.86
CA ALA A 160 -22.14 -1.21 -31.11
C ALA A 160 -20.86 -0.61 -31.54
N GLN A 161 -20.80 -0.32 -32.82
CA GLN A 161 -19.63 0.24 -33.41
C GLN A 161 -19.90 0.74 -34.79
N GLY A 162 -19.18 1.74 -35.20
CA GLY A 162 -19.37 2.29 -36.54
C GLY A 162 -18.17 3.07 -37.02
N GLU A 163 -18.22 3.46 -38.29
CA GLU A 163 -17.21 4.31 -38.89
C GLU A 163 -17.87 5.59 -39.35
N LEU A 164 -17.09 6.66 -39.40
CA LEU A 164 -17.64 7.96 -39.79
C LEU A 164 -16.72 8.63 -40.81
N GLU A 165 -17.17 9.73 -41.38
CA GLU A 165 -16.35 10.41 -42.36
C GLU A 165 -15.16 11.10 -41.62
N ASN A 166 -14.20 11.56 -42.41
CA ASN A 166 -12.97 12.20 -41.90
C ASN A 166 -12.17 11.36 -40.93
N GLY A 167 -12.10 10.06 -41.16
CA GLY A 167 -11.14 9.23 -40.43
C GLY A 167 -11.50 8.93 -38.96
N ARG A 168 -12.77 9.05 -38.62
CA ARG A 168 -13.24 8.82 -37.26
C ARG A 168 -13.99 7.52 -37.17
N HIS A 169 -14.01 6.99 -35.97
CA HIS A 169 -14.79 5.80 -35.67
C HIS A 169 -15.32 5.84 -34.26
N TRP A 170 -16.15 4.86 -33.92
CA TRP A 170 -16.67 4.79 -32.61
C TRP A 170 -17.02 3.41 -32.15
N VAL A 171 -17.03 3.26 -30.83
CA VAL A 171 -17.38 2.01 -30.18
C VAL A 171 -18.27 2.33 -29.01
N GLN A 172 -19.29 1.50 -28.78
CA GLN A 172 -20.18 1.70 -27.65
C GLN A 172 -20.13 0.47 -26.78
N TRP A 173 -20.11 0.72 -25.48
CA TRP A 173 -19.96 -0.26 -24.40
C TRP A 173 -21.18 -0.19 -23.45
N GLN A 174 -21.51 -1.30 -22.85
CA GLN A 174 -22.57 -1.42 -21.91
C GLN A 174 -22.08 -2.34 -20.83
N ASP A 175 -22.29 -1.94 -19.59
CA ASP A 175 -21.89 -2.71 -18.42
C ASP A 175 -23.23 -2.98 -17.72
N PRO A 176 -23.66 -4.22 -17.60
CA PRO A 176 -24.96 -4.42 -16.96
C PRO A 176 -25.02 -4.19 -15.45
N PHE A 177 -23.88 -4.13 -14.77
CA PHE A 177 -23.93 -3.96 -13.33
C PHE A 177 -24.02 -2.50 -12.93
N PRO A 178 -25.00 -2.14 -12.10
CA PRO A 178 -24.99 -0.76 -11.60
C PRO A 178 -23.73 -0.44 -10.84
N LYS A 179 -23.23 0.75 -11.02
CA LYS A 179 -21.99 1.14 -10.41
C LYS A 179 -21.98 2.58 -9.98
N PRO A 180 -21.26 2.87 -8.88
CA PRO A 180 -20.91 4.23 -8.61
C PRO A 180 -19.94 4.73 -9.67
N CYS A 181 -19.91 6.04 -9.90
CA CYS A 181 -19.14 6.56 -10.97
C CYS A 181 -17.63 6.52 -10.76
N TYR A 182 -17.15 6.28 -9.55
CA TYR A 182 -15.71 6.16 -9.36
C TYR A 182 -15.13 4.95 -10.05
N LEU A 183 -16.00 4.05 -10.45
CA LEU A 183 -15.61 2.87 -11.19
C LEU A 183 -15.73 3.00 -12.70
N PHE A 184 -16.11 4.18 -13.16
CA PHE A 184 -16.09 4.46 -14.57
C PHE A 184 -14.67 4.46 -15.09
N ALA A 185 -14.48 3.87 -16.28
CA ALA A 185 -13.21 4.05 -17.02
C ALA A 185 -13.38 4.21 -18.51
N LEU A 186 -12.40 4.93 -19.10
CA LEU A 186 -12.33 5.10 -20.53
C LEU A 186 -10.88 5.12 -20.89
N VAL A 187 -10.51 4.42 -21.96
CA VAL A 187 -9.14 4.42 -22.49
C VAL A 187 -9.22 4.53 -24.01
N ALA A 188 -8.40 5.39 -24.59
CA ALA A 188 -8.28 5.48 -26.04
C ALA A 188 -6.81 5.54 -26.43
N GLY A 189 -6.42 4.72 -27.37
CA GLY A 189 -5.04 4.77 -27.79
C GLY A 189 -4.72 3.67 -28.72
N ASP A 190 -3.43 3.54 -28.93
CA ASP A 190 -2.90 2.53 -29.82
C ASP A 190 -1.94 1.65 -29.01
N PHE A 191 -2.23 0.36 -28.96
CA PHE A 191 -1.58 -0.56 -28.03
C PHE A 191 -1.26 -1.88 -28.73
N ASP A 192 -0.28 -2.57 -28.16
CA ASP A 192 -0.18 -3.99 -28.35
C ASP A 192 -1.09 -4.64 -27.34
N VAL A 193 -1.61 -5.83 -27.67
CA VAL A 193 -2.57 -6.52 -26.82
C VAL A 193 -2.19 -8.00 -26.71
N LEU A 194 -2.08 -8.52 -25.51
CA LEU A 194 -1.90 -9.93 -25.23
C LEU A 194 -3.29 -10.42 -24.86
N ARG A 195 -3.77 -11.45 -25.54
CA ARG A 195 -5.11 -11.99 -25.40
CA ARG A 195 -5.10 -11.99 -25.34
C ARG A 195 -4.94 -13.41 -24.88
N ASP A 196 -5.78 -13.79 -23.92
CA ASP A 196 -5.71 -15.12 -23.34
C ASP A 196 -7.13 -15.40 -22.84
N THR A 197 -7.33 -16.56 -22.20
CA THR A 197 -8.67 -16.97 -21.73
CA THR A 197 -8.67 -16.98 -21.72
C THR A 197 -8.53 -17.62 -20.35
N PHE A 198 -9.55 -17.42 -19.50
CA PHE A 198 -9.67 -18.12 -18.23
C PHE A 198 -11.06 -18.79 -18.23
N THR A 199 -11.10 -20.07 -17.91
CA THR A 199 -12.41 -20.74 -17.80
C THR A 199 -12.76 -20.90 -16.33
N THR A 200 -13.91 -20.37 -15.92
CA THR A 200 -14.24 -20.37 -14.51
C THR A 200 -14.59 -21.80 -14.13
N ARG A 201 -14.69 -22.10 -12.85
CA ARG A 201 -14.98 -23.48 -12.47
C ARG A 201 -16.39 -23.94 -12.92
N SER A 202 -17.34 -23.04 -13.12
CA SER A 202 -18.64 -23.44 -13.63
C SER A 202 -18.73 -23.45 -15.16
N GLY A 203 -17.63 -23.12 -15.82
CA GLY A 203 -17.42 -23.25 -17.25
C GLY A 203 -17.55 -21.96 -18.07
N ARG A 204 -17.60 -20.80 -17.46
CA ARG A 204 -17.70 -19.58 -18.20
C ARG A 204 -16.27 -19.22 -18.72
N GLU A 205 -16.18 -18.99 -20.01
CA GLU A 205 -14.96 -18.66 -20.61
C GLU A 205 -14.83 -17.15 -20.63
N VAL A 206 -13.83 -16.63 -19.98
CA VAL A 206 -13.62 -15.19 -19.92
C VAL A 206 -12.48 -14.83 -20.86
N ALA A 207 -12.73 -13.88 -21.76
CA ALA A 207 -11.67 -13.36 -22.58
C ALA A 207 -10.85 -12.35 -21.75
N LEU A 208 -9.55 -12.55 -21.69
CA LEU A 208 -8.59 -11.70 -20.96
C LEU A 208 -7.77 -10.89 -21.94
N GLU A 209 -7.67 -9.58 -21.72
CA GLU A 209 -6.95 -8.66 -22.60
C GLU A 209 -6.09 -7.68 -21.83
N LEU A 210 -4.80 -7.69 -22.13
CA LEU A 210 -3.83 -6.83 -21.55
C LEU A 210 -3.29 -5.91 -22.62
N TYR A 211 -3.56 -4.62 -22.45
CA TYR A 211 -3.19 -3.59 -23.39
C TYR A 211 -1.92 -2.91 -22.88
N VAL A 212 -0.87 -2.82 -23.68
CA VAL A 212 0.40 -2.22 -23.26
C VAL A 212 0.88 -1.33 -24.42
N ASP A 213 1.83 -0.42 -24.16
CA ASP A 213 2.30 0.44 -25.26
C ASP A 213 3.00 -0.47 -26.29
N ARG A 214 2.98 -0.05 -27.56
CA ARG A 214 3.66 -0.73 -28.64
C ARG A 214 5.10 -0.99 -28.22
N GLY A 215 5.59 -2.19 -28.43
CA GLY A 215 6.96 -2.53 -28.05
C GLY A 215 7.02 -3.24 -26.73
N ASN A 216 5.93 -3.28 -25.93
CA ASN A 216 6.01 -3.86 -24.58
C ASN A 216 5.41 -5.25 -24.40
N LEU A 217 5.11 -5.91 -25.50
CA LEU A 217 4.41 -7.19 -25.43
C LEU A 217 5.32 -8.26 -24.78
N ASP A 218 6.63 -8.09 -24.91
CA ASP A 218 7.59 -9.02 -24.24
C ASP A 218 7.56 -8.90 -22.72
N ARG A 219 6.95 -7.82 -22.16
CA ARG A 219 6.84 -7.72 -20.74
C ARG A 219 5.48 -8.02 -20.15
N ALA A 220 4.61 -8.62 -20.94
CA ALA A 220 3.19 -8.86 -20.57
C ALA A 220 2.83 -10.22 -19.99
N PRO A 221 3.55 -11.28 -20.34
CA PRO A 221 3.00 -12.57 -19.93
C PRO A 221 2.96 -12.84 -18.42
N TRP A 222 3.91 -12.36 -17.64
CA TRP A 222 3.77 -12.59 -16.19
C TRP A 222 2.46 -12.00 -15.57
N ALA A 223 2.07 -10.81 -16.01
CA ALA A 223 0.87 -10.15 -15.50
C ALA A 223 -0.35 -10.95 -15.91
N MET A 224 -0.33 -11.47 -17.15
CA MET A 224 -1.41 -12.35 -17.58
C MET A 224 -1.46 -13.63 -16.75
N THR A 225 -0.31 -14.22 -16.52
CA THR A 225 -0.24 -15.39 -15.68
C THR A 225 -0.82 -15.13 -14.29
N SER A 226 -0.45 -13.98 -13.73
CA SER A 226 -0.89 -13.62 -12.39
C SER A 226 -2.39 -13.36 -12.32
N LEU A 227 -2.95 -12.81 -13.39
CA LEU A 227 -4.36 -12.58 -13.43
C LEU A 227 -5.10 -13.93 -13.35
N LYS A 228 -4.65 -14.89 -14.13
CA LYS A 228 -5.25 -16.21 -14.07
C LYS A 228 -5.06 -16.86 -12.73
N ASN A 229 -3.89 -16.71 -12.12
CA ASN A 229 -3.70 -17.23 -10.80
C ASN A 229 -4.63 -16.55 -9.83
N SER A 230 -4.80 -15.24 -9.96
CA SER A 230 -5.82 -14.54 -9.10
C SER A 230 -7.21 -15.08 -9.21
N MET A 231 -7.61 -15.34 -10.43
CA MET A 231 -8.99 -15.75 -10.65
C MET A 231 -9.20 -17.16 -10.10
N LYS A 232 -8.24 -18.03 -10.31
CA LYS A 232 -8.30 -19.35 -9.69
C LYS A 232 -8.28 -19.33 -8.15
N TRP A 233 -7.36 -18.54 -7.56
CA TRP A 233 -7.33 -18.52 -6.12
C TRP A 233 -8.66 -18.02 -5.55
N ASP A 234 -9.26 -17.00 -6.16
CA ASP A 234 -10.49 -16.46 -5.55
C ASP A 234 -11.62 -17.50 -5.58
N GLU A 235 -11.63 -18.36 -6.60
CA GLU A 235 -12.56 -19.43 -6.67
C GLU A 235 -12.25 -20.44 -5.56
N GLU A 236 -11.01 -20.83 -5.41
CA GLU A 236 -10.63 -21.83 -4.43
C GLU A 236 -10.77 -21.42 -3.01
N ARG A 237 -10.35 -20.21 -2.72
CA ARG A 237 -10.36 -19.75 -1.35
C ARG A 237 -11.68 -19.15 -0.93
N PHE A 238 -12.27 -18.30 -1.78
CA PHE A 238 -13.46 -17.52 -1.35
C PHE A 238 -14.73 -17.99 -2.10
N GLY A 239 -14.60 -18.90 -3.06
CA GLY A 239 -15.75 -19.34 -3.83
C GLY A 239 -16.32 -18.33 -4.82
N LEU A 240 -15.47 -17.40 -5.27
CA LEU A 240 -15.94 -16.27 -6.08
C LEU A 240 -15.46 -16.43 -7.52
N GLU A 241 -16.37 -16.25 -8.48
CA GLU A 241 -16.08 -16.26 -9.89
C GLU A 241 -16.21 -14.89 -10.50
N TYR A 242 -15.50 -14.66 -11.62
CA TYR A 242 -15.68 -13.45 -12.35
C TYR A 242 -17.09 -13.52 -13.01
N ASP A 243 -17.70 -12.35 -13.13
CA ASP A 243 -19.12 -12.16 -13.41
C ASP A 243 -19.42 -11.53 -14.77
N LEU A 244 -18.39 -11.32 -15.59
CA LEU A 244 -18.54 -10.78 -16.93
C LEU A 244 -17.81 -11.72 -17.87
N ASP A 245 -17.83 -11.28 -19.12
CA ASP A 245 -17.26 -12.10 -20.22
CA ASP A 245 -17.38 -11.95 -20.34
C ASP A 245 -15.91 -11.63 -20.73
N ILE A 246 -15.47 -10.48 -20.31
CA ILE A 246 -14.27 -9.84 -20.77
C ILE A 246 -13.60 -9.18 -19.53
N TYR A 247 -12.30 -9.32 -19.41
CA TYR A 247 -11.50 -8.68 -18.38
C TYR A 247 -10.36 -7.98 -19.08
N MET A 248 -10.39 -6.65 -19.06
CA MET A 248 -9.38 -5.85 -19.61
C MET A 248 -8.49 -5.22 -18.55
N ILE A 249 -7.19 -5.13 -18.87
CA ILE A 249 -6.18 -4.37 -18.13
C ILE A 249 -5.42 -3.51 -19.06
N VAL A 250 -5.31 -2.20 -18.77
CA VAL A 250 -4.45 -1.33 -19.52
C VAL A 250 -3.29 -0.82 -18.66
N ALA A 251 -2.07 -0.97 -19.16
CA ALA A 251 -0.88 -0.45 -18.49
C ALA A 251 -0.57 0.93 -19.04
N VAL A 252 -0.47 1.92 -18.15
CA VAL A 252 -0.17 3.31 -18.58
C VAL A 252 1.02 3.84 -17.76
N ASP A 253 1.82 4.73 -18.34
CA ASP A 253 3.02 5.24 -17.69
C ASP A 253 2.76 6.32 -16.71
N PHE A 254 1.70 7.09 -16.93
CA PHE A 254 1.39 8.26 -16.12
C PHE A 254 0.18 7.92 -15.29
N PHE A 255 0.41 7.70 -14.01
CA PHE A 255 -0.66 7.26 -13.11
C PHE A 255 -0.23 7.59 -11.68
N ASN A 256 -1.12 8.20 -10.92
CA ASN A 256 -0.81 8.58 -9.54
C ASN A 256 -0.82 7.43 -8.53
N ALA A 257 -1.77 6.53 -8.64
CA ALA A 257 -1.81 5.34 -7.79
C ALA A 257 -0.89 4.19 -8.34
N GLY A 258 -1.08 3.01 -7.79
CA GLY A 258 -0.53 1.81 -8.30
C GLY A 258 -1.46 1.28 -9.40
N ALA A 259 -2.74 1.21 -9.08
CA ALA A 259 -3.66 0.63 -10.01
C ALA A 259 -5.12 0.84 -9.56
N MET A 260 -6.06 0.51 -10.43
CA MET A 260 -7.43 0.85 -10.18
C MET A 260 -8.37 -0.20 -10.71
N GLU A 261 -9.33 -0.55 -9.87
CA GLU A 261 -10.23 -1.68 -10.11
C GLU A 261 -11.48 -1.43 -10.95
N ASN A 262 -11.38 -0.55 -11.93
CA ASN A 262 -12.55 -0.15 -12.68
C ASN A 262 -13.22 -1.40 -13.27
N LYS A 263 -14.52 -1.54 -13.13
CA LYS A 263 -15.21 -2.82 -13.42
C LYS A 263 -14.90 -3.30 -14.84
N GLY A 264 -14.24 -4.45 -14.94
CA GLY A 264 -13.97 -5.03 -16.29
C GLY A 264 -12.89 -4.33 -17.09
N LEU A 265 -12.39 -3.20 -16.58
CA LEU A 265 -11.41 -2.38 -17.27
C LEU A 265 -10.46 -1.77 -16.30
N ASN A 266 -9.61 -2.56 -15.71
CA ASN A 266 -8.64 -2.04 -14.77
C ASN A 266 -7.61 -1.19 -15.51
N ILE A 267 -7.13 -0.15 -14.89
CA ILE A 267 -6.04 0.69 -15.39
C ILE A 267 -4.92 0.62 -14.34
N PHE A 268 -3.73 0.23 -14.81
CA PHE A 268 -2.57 -0.03 -13.94
C PHE A 268 -1.48 0.91 -14.30
N ASN A 269 -0.77 1.39 -13.29
CA ASN A 269 0.56 1.92 -13.48
C ASN A 269 1.40 0.80 -14.05
N SER A 270 2.14 1.10 -15.10
CA SER A 270 2.87 0.05 -15.74
C SER A 270 3.97 -0.59 -14.82
N LYS A 271 4.37 0.11 -13.75
CA LYS A 271 5.22 -0.49 -12.68
C LYS A 271 4.63 -1.79 -12.19
N TYR A 272 3.30 -1.91 -12.20
CA TYR A 272 2.66 -3.12 -11.72
C TYR A 272 2.16 -4.06 -12.82
N VAL A 273 2.71 -3.95 -14.02
CA VAL A 273 2.39 -4.88 -15.11
C VAL A 273 3.65 -5.44 -15.72
N LEU A 274 4.60 -4.58 -16.08
CA LEU A 274 5.59 -4.95 -17.03
C LEU A 274 6.80 -5.60 -16.39
N ALA A 275 7.13 -6.82 -16.79
CA ALA A 275 8.29 -7.54 -16.26
C ALA A 275 8.88 -8.49 -17.28
N ARG A 276 10.20 -8.57 -17.25
CA ARG A 276 10.99 -9.56 -17.95
C ARG A 276 12.17 -9.83 -17.05
N THR A 277 12.86 -10.95 -17.17
CA THR A 277 13.88 -11.29 -16.19
C THR A 277 15.05 -10.28 -16.18
N ASP A 278 15.33 -9.60 -17.28
CA ASP A 278 16.41 -8.62 -17.31
CA ASP A 278 16.44 -8.62 -17.28
C ASP A 278 16.03 -7.19 -16.80
N THR A 279 14.73 -6.93 -16.65
CA THR A 279 14.22 -5.61 -16.22
C THR A 279 13.62 -5.54 -14.84
N ALA A 280 13.20 -6.69 -14.32
CA ALA A 280 12.38 -6.71 -13.14
C ALA A 280 12.98 -7.66 -12.15
N THR A 281 12.93 -7.27 -10.87
CA THR A 281 13.39 -8.10 -9.79
C THR A 281 12.34 -9.08 -9.31
N ASP A 282 12.76 -10.03 -8.49
CA ASP A 282 11.79 -10.91 -7.82
C ASP A 282 10.76 -10.13 -7.06
N LYS A 283 11.18 -9.07 -6.39
CA LYS A 283 10.27 -8.19 -5.64
CA LYS A 283 10.29 -8.13 -5.66
C LYS A 283 9.24 -7.56 -6.61
N ASP A 284 9.67 -7.11 -7.80
CA ASP A 284 8.72 -6.57 -8.83
C ASP A 284 7.73 -7.65 -9.26
N TYR A 285 8.24 -8.83 -9.53
CA TYR A 285 7.37 -9.95 -9.95
C TYR A 285 6.32 -10.23 -8.89
N LEU A 286 6.72 -10.31 -7.62
CA LEU A 286 5.76 -10.55 -6.54
C LEU A 286 4.81 -9.33 -6.28
N ASP A 287 5.28 -8.12 -6.51
CA ASP A 287 4.38 -6.94 -6.45
C ASP A 287 3.37 -6.93 -7.60
N ILE A 288 3.81 -7.29 -8.82
CA ILE A 288 2.88 -7.43 -9.90
C ILE A 288 1.81 -8.44 -9.56
N GLU A 289 2.21 -9.57 -9.00
CA GLU A 289 1.25 -10.60 -8.63
C GLU A 289 0.26 -10.05 -7.57
N ARG A 290 0.82 -9.36 -6.58
CA ARG A 290 0.03 -8.83 -5.51
C ARG A 290 -1.00 -7.79 -6.01
N VAL A 291 -0.59 -6.90 -6.90
CA VAL A 291 -1.46 -5.82 -7.27
C VAL A 291 -2.48 -6.24 -8.34
N ILE A 292 -2.06 -7.09 -9.27
CA ILE A 292 -3.02 -7.75 -10.17
C ILE A 292 -4.09 -8.48 -9.32
N GLY A 293 -3.67 -9.24 -8.32
CA GLY A 293 -4.64 -9.92 -7.43
C GLY A 293 -5.57 -8.92 -6.76
N HIS A 294 -4.97 -7.91 -6.17
CA HIS A 294 -5.70 -6.90 -5.43
C HIS A 294 -6.81 -6.29 -6.28
N GLU A 295 -6.51 -5.79 -7.49
CA GLU A 295 -7.51 -5.17 -8.31
C GLU A 295 -8.54 -6.23 -8.73
N TYR A 296 -8.14 -7.45 -8.97
CA TYR A 296 -9.12 -8.51 -9.29
C TYR A 296 -10.05 -8.77 -8.11
N PHE A 297 -9.48 -8.86 -6.91
CA PHE A 297 -10.27 -9.17 -5.69
C PHE A 297 -11.29 -8.07 -5.40
N HIS A 298 -11.01 -6.86 -5.83
CA HIS A 298 -11.99 -5.78 -5.74
C HIS A 298 -13.29 -6.04 -6.52
N ASN A 299 -13.25 -6.95 -7.49
CA ASN A 299 -14.43 -7.18 -8.25
C ASN A 299 -15.58 -7.52 -7.38
N TRP A 300 -15.29 -8.25 -6.29
CA TRP A 300 -16.31 -8.50 -5.27
C TRP A 300 -16.25 -7.57 -4.10
N THR A 301 -15.06 -7.41 -3.53
CA THR A 301 -14.93 -6.57 -2.33
C THR A 301 -14.56 -5.15 -2.75
N GLY A 302 -15.60 -4.45 -3.21
CA GLY A 302 -15.52 -3.08 -3.73
C GLY A 302 -16.50 -2.80 -4.89
N ASN A 303 -16.61 -3.74 -5.84
CA ASN A 303 -17.43 -3.50 -7.00
C ASN A 303 -18.87 -4.09 -6.81
N ARG A 304 -18.99 -5.42 -6.64
CA ARG A 304 -20.28 -6.01 -6.33
C ARG A 304 -20.90 -5.48 -5.05
N VAL A 305 -20.09 -5.28 -4.04
CA VAL A 305 -20.49 -4.55 -2.86
C VAL A 305 -19.54 -3.36 -2.77
N THR A 306 -20.08 -2.14 -2.81
CA THR A 306 -19.25 -0.95 -2.85
C THR A 306 -19.39 -0.17 -1.52
N CYS A 307 -18.93 1.06 -1.50
CA CYS A 307 -18.91 1.89 -0.29
C CYS A 307 -20.03 2.91 -0.26
N ARG A 308 -20.77 2.96 0.85
CA ARG A 308 -21.87 3.93 0.98
C ARG A 308 -21.38 5.35 0.89
N ASP A 309 -20.19 5.63 1.43
CA ASP A 309 -19.60 6.97 1.41
C ASP A 309 -18.11 6.74 1.61
N TRP A 310 -17.28 7.76 1.38
CA TRP A 310 -15.84 7.61 1.45
C TRP A 310 -15.18 7.36 2.81
N PHE A 311 -15.90 7.60 3.89
CA PHE A 311 -15.43 7.31 5.21
C PHE A 311 -15.45 5.81 5.37
N GLN A 312 -16.25 5.10 4.57
CA GLN A 312 -16.19 3.63 4.62
C GLN A 312 -15.10 3.01 3.72
N LEU A 313 -14.13 3.80 3.27
CA LEU A 313 -13.12 3.25 2.35
C LEU A 313 -12.51 1.91 2.78
N SER A 314 -12.20 1.75 4.06
CA SER A 314 -11.54 0.57 4.54
C SER A 314 -12.42 -0.65 4.39
N LEU A 315 -13.76 -0.50 4.31
CA LEU A 315 -14.62 -1.65 3.98
C LEU A 315 -14.13 -2.39 2.72
N LYS A 316 -13.69 -1.65 1.69
CA LYS A 316 -13.18 -2.31 0.51
C LYS A 316 -11.66 -2.48 0.55
N GLU A 317 -10.96 -1.52 1.12
CA GLU A 317 -9.49 -1.60 1.08
C GLU A 317 -8.86 -2.49 2.16
N GLY A 318 -9.33 -2.43 3.39
CA GLY A 318 -8.70 -3.32 4.40
C GLY A 318 -9.02 -4.75 3.96
N LEU A 319 -10.29 -5.00 3.56
CA LEU A 319 -10.66 -6.34 3.13
C LEU A 319 -9.92 -6.83 1.89
N THR A 320 -9.71 -5.96 0.91
CA THR A 320 -9.07 -6.36 -0.35
C THR A 320 -7.57 -6.51 -0.12
N VAL A 321 -6.99 -5.67 0.74
CA VAL A 321 -5.61 -5.88 1.13
C VAL A 321 -5.46 -7.21 1.87
N PHE A 322 -6.35 -7.50 2.82
CA PHE A 322 -6.33 -8.84 3.47
C PHE A 322 -6.36 -9.97 2.42
N ARG A 323 -7.24 -9.81 1.40
CA ARG A 323 -7.35 -10.79 0.37
C ARG A 323 -6.04 -10.93 -0.45
N ASP A 324 -5.44 -9.83 -0.84
CA ASP A 324 -4.18 -9.87 -1.56
C ASP A 324 -3.03 -10.48 -0.71
N GLN A 325 -3.07 -10.26 0.59
CA GLN A 325 -2.07 -10.88 1.45
C GLN A 325 -2.25 -12.41 1.54
N GLU A 326 -3.50 -12.83 1.70
CA GLU A 326 -3.82 -14.25 1.72
C GLU A 326 -3.51 -14.90 0.40
N PHE A 327 -3.73 -14.22 -0.70
CA PHE A 327 -3.36 -14.74 -2.06
C PHE A 327 -1.84 -14.93 -2.15
N SER A 328 -1.08 -13.88 -1.90
CA SER A 328 0.38 -13.96 -1.87
C SER A 328 0.92 -15.02 -0.90
N SER A 329 0.36 -15.06 0.30
CA SER A 329 0.76 -16.03 1.31
C SER A 329 0.45 -17.49 0.95
N ASP A 330 -0.71 -17.76 0.31
CA ASP A 330 -1.08 -19.12 -0.08
C ASP A 330 -0.20 -19.55 -1.23
N LEU A 331 0.02 -18.71 -2.25
CA LEU A 331 0.83 -19.09 -3.37
C LEU A 331 2.32 -19.14 -3.06
N GLY A 332 2.76 -18.25 -2.17
CA GLY A 332 4.19 -18.04 -1.90
C GLY A 332 4.57 -18.48 -0.51
N SER A 333 5.50 -17.77 0.06
CA SER A 333 5.95 -18.03 1.44
C SER A 333 5.07 -17.27 2.45
N ARG A 334 4.23 -17.98 3.21
CA ARG A 334 3.36 -17.29 4.13
C ARG A 334 4.26 -16.47 5.12
N ALA A 335 5.31 -17.10 5.62
CA ALA A 335 6.15 -16.47 6.66
C ALA A 335 6.73 -15.19 6.16
N VAL A 336 7.27 -15.22 4.95
CA VAL A 336 7.94 -14.04 4.39
C VAL A 336 6.88 -12.96 4.13
N ASN A 337 5.70 -13.34 3.63
CA ASN A 337 4.63 -12.36 3.54
C ASN A 337 4.28 -11.70 4.85
N ARG A 338 4.09 -12.49 5.87
CA ARG A 338 3.65 -11.98 7.13
C ARG A 338 4.71 -11.06 7.75
N ILE A 339 5.96 -11.51 7.68
CA ILE A 339 7.03 -10.72 8.10
C ILE A 339 7.05 -9.36 7.46
N ASN A 340 7.02 -9.30 6.14
CA ASN A 340 7.04 -8.05 5.48
C ASN A 340 5.87 -7.16 5.74
N ASN A 341 4.71 -7.76 5.91
CA ASN A 341 3.57 -6.96 6.29
C ASN A 341 3.69 -6.39 7.70
N VAL A 342 4.32 -7.13 8.59
CA VAL A 342 4.59 -6.67 9.91
C VAL A 342 5.62 -5.54 9.89
N ARG A 343 6.66 -5.67 9.08
CA ARG A 343 7.62 -4.61 9.00
CA ARG A 343 7.68 -4.64 8.92
C ARG A 343 6.99 -3.30 8.52
N THR A 344 6.05 -3.37 7.57
CA THR A 344 5.35 -2.24 7.11
C THR A 344 4.46 -1.64 8.23
N MET A 345 3.75 -2.47 8.94
CA MET A 345 2.92 -2.03 10.05
C MET A 345 3.73 -1.30 11.11
N ARG A 346 4.78 -1.95 11.60
CA ARG A 346 5.51 -1.37 12.70
C ARG A 346 6.39 -0.23 12.27
N GLY A 347 6.90 -0.29 11.04
CA GLY A 347 7.88 0.67 10.59
C GLY A 347 7.31 1.93 9.91
N LEU A 348 6.13 1.83 9.33
CA LEU A 348 5.53 2.93 8.56
C LEU A 348 4.16 3.29 9.06
N GLN A 349 3.30 2.32 9.33
CA GLN A 349 1.96 2.61 9.79
C GLN A 349 1.93 3.12 11.22
N PHE A 350 2.74 2.53 12.12
CA PHE A 350 2.82 3.03 13.48
C PHE A 350 3.27 4.50 13.44
N ALA A 351 4.22 4.85 12.59
CA ALA A 351 4.58 6.26 12.42
C ALA A 351 3.41 7.20 12.03
N GLU A 352 2.57 6.76 11.10
CA GLU A 352 1.39 7.55 10.72
C GLU A 352 0.42 7.74 11.92
N ASP A 353 0.21 6.67 12.68
CA ASP A 353 -0.67 6.69 13.84
C ASP A 353 -0.10 7.52 15.03
N ALA A 354 1.20 7.85 14.97
CA ALA A 354 1.84 8.73 15.93
C ALA A 354 1.98 10.14 15.35
N SER A 355 1.46 10.37 14.15
CA SER A 355 1.65 11.64 13.49
C SER A 355 0.42 12.58 13.65
N PRO A 356 0.55 13.80 13.18
CA PRO A 356 -0.62 14.69 13.10
C PRO A 356 -1.73 14.23 12.17
N MET A 357 -1.42 13.33 11.24
CA MET A 357 -2.43 12.87 10.31
C MET A 357 -3.17 11.65 10.86
N ALA A 358 -2.93 11.29 12.14
CA ALA A 358 -3.56 10.09 12.64
C ALA A 358 -5.07 10.06 12.46
N HIS A 359 -5.59 8.90 12.08
CA HIS A 359 -7.02 8.71 11.99
C HIS A 359 -7.35 7.24 12.21
N PRO A 360 -8.57 6.95 12.60
CA PRO A 360 -9.03 5.60 12.63
C PRO A 360 -9.23 5.02 11.22
N ILE A 361 -9.31 3.69 11.14
CA ILE A 361 -9.46 3.04 9.85
C ILE A 361 -10.77 3.47 9.11
N ARG A 362 -11.77 3.91 9.88
CA ARG A 362 -12.94 4.58 9.36
C ARG A 362 -12.86 6.01 9.86
N PRO A 363 -12.38 6.94 9.03
CA PRO A 363 -12.20 8.33 9.50
C PRO A 363 -13.53 9.02 9.86
N ASP A 364 -13.44 10.03 10.68
CA ASP A 364 -14.60 10.85 11.07
C ASP A 364 -14.61 12.17 10.37
N MET A 365 -13.48 12.63 9.87
CA MET A 365 -13.36 13.96 9.29
C MET A 365 -12.33 13.92 8.19
N VAL A 366 -12.69 14.50 7.06
CA VAL A 366 -11.79 14.50 5.92
C VAL A 366 -11.97 15.82 5.23
N ILE A 367 -10.88 16.45 4.79
CA ILE A 367 -10.97 17.58 3.90
C ILE A 367 -10.73 17.17 2.44
N GLU A 368 -9.64 16.46 2.17
CA GLU A 368 -9.37 16.01 0.80
C GLU A 368 -9.28 14.47 0.85
N MET A 369 -10.28 13.83 0.26
CA MET A 369 -10.41 12.39 0.35
C MET A 369 -9.22 11.64 -0.22
N ASN A 370 -8.49 12.25 -1.15
CA ASN A 370 -7.35 11.60 -1.67
C ASN A 370 -6.18 11.50 -0.68
N ASN A 371 -6.25 12.25 0.42
CA ASN A 371 -5.32 12.13 1.52
C ASN A 371 -5.56 10.95 2.43
N PHE A 372 -6.58 10.14 2.15
CA PHE A 372 -6.95 9.08 3.10
C PHE A 372 -6.83 7.63 2.48
N TYR A 373 -6.07 7.53 1.38
CA TYR A 373 -5.70 6.27 0.79
C TYR A 373 -4.42 5.86 1.55
N THR A 374 -4.54 5.57 2.87
CA THR A 374 -3.36 5.55 3.76
C THR A 374 -2.90 4.18 4.23
N LEU A 375 -1.72 4.13 4.84
CA LEU A 375 -1.22 2.93 5.53
C LEU A 375 -2.25 2.51 6.57
N THR A 376 -2.90 3.47 7.20
CA THR A 376 -3.87 3.17 8.14
C THR A 376 -5.12 2.46 7.53
N VAL A 377 -5.74 3.08 6.55
CA VAL A 377 -6.95 2.54 5.95
C VAL A 377 -6.69 1.17 5.27
N TYR A 378 -5.54 1.05 4.61
CA TYR A 378 -5.12 -0.13 3.86
C TYR A 378 -4.55 -1.22 4.76
N GLU A 379 -3.39 -0.94 5.35
CA GLU A 379 -2.64 -1.91 6.13
C GLU A 379 -3.16 -2.16 7.49
N LYS A 380 -3.46 -1.10 8.25
CA LYS A 380 -4.10 -1.37 9.51
C LYS A 380 -5.51 -1.94 9.30
N GLY A 381 -6.20 -1.47 8.27
CA GLY A 381 -7.48 -2.05 7.93
C GLY A 381 -7.44 -3.55 7.74
N ALA A 382 -6.46 -4.02 7.02
CA ALA A 382 -6.28 -5.46 6.80
C ALA A 382 -5.98 -6.18 8.12
N GLU A 383 -5.14 -5.57 8.97
CA GLU A 383 -4.83 -6.15 10.32
C GLU A 383 -6.13 -6.32 11.10
N VAL A 384 -7.05 -5.36 10.93
CA VAL A 384 -8.35 -5.45 11.57
C VAL A 384 -9.22 -6.62 11.01
N ILE A 385 -9.28 -6.78 9.70
CA ILE A 385 -9.96 -7.92 9.10
C ILE A 385 -9.27 -9.21 9.58
N ARG A 386 -7.93 -9.20 9.63
CA ARG A 386 -7.19 -10.40 10.07
C ARG A 386 -7.46 -10.70 11.54
N MET A 387 -7.67 -9.70 12.39
CA MET A 387 -8.15 -9.98 13.78
C MET A 387 -9.53 -10.65 13.80
N ILE A 388 -10.42 -10.23 12.91
CA ILE A 388 -11.72 -10.92 12.78
C ILE A 388 -11.49 -12.39 12.40
N HIS A 389 -10.63 -12.60 11.42
CA HIS A 389 -10.32 -13.94 10.99
C HIS A 389 -9.70 -14.73 12.16
N THR A 390 -8.84 -14.09 12.97
CA THR A 390 -8.29 -14.74 14.14
C THR A 390 -9.37 -15.14 15.15
N LEU A 391 -10.31 -14.21 15.44
CA LEU A 391 -11.39 -14.49 16.37
C LEU A 391 -12.40 -15.52 15.92
N LEU A 392 -12.67 -15.61 14.60
CA LEU A 392 -13.69 -16.44 14.12
C LEU A 392 -13.14 -17.73 13.61
N GLY A 393 -11.89 -17.79 13.15
CA GLY A 393 -11.42 -19.02 12.41
C GLY A 393 -11.89 -18.99 10.96
N GLU A 394 -11.20 -19.68 10.08
CA GLU A 394 -11.47 -19.60 8.60
C GLU A 394 -12.93 -19.97 8.20
N GLU A 395 -13.46 -21.05 8.74
CA GLU A 395 -14.76 -21.54 8.36
C GLU A 395 -15.83 -20.49 8.74
N ASN A 396 -15.81 -19.98 9.95
CA ASN A 396 -16.76 -18.91 10.27
C ASN A 396 -16.54 -17.59 9.51
N PHE A 397 -15.28 -17.28 9.25
CA PHE A 397 -14.91 -16.07 8.52
C PHE A 397 -15.57 -16.13 7.15
N GLN A 398 -15.45 -17.29 6.49
CA GLN A 398 -16.06 -17.48 5.18
C GLN A 398 -17.57 -17.46 5.22
N LYS A 399 -18.18 -18.00 6.28
CA LYS A 399 -19.62 -17.82 6.44
C LYS A 399 -20.00 -16.37 6.50
N GLY A 400 -19.21 -15.55 7.17
CA GLY A 400 -19.48 -14.14 7.30
C GLY A 400 -19.31 -13.46 5.96
N MET A 401 -18.29 -13.87 5.20
CA MET A 401 -18.16 -13.38 3.83
C MET A 401 -19.44 -13.67 3.01
N GLN A 402 -19.92 -14.89 3.13
CA GLN A 402 -21.06 -15.31 2.30
C GLN A 402 -22.31 -14.57 2.69
N LEU A 403 -22.47 -14.34 3.97
CA LEU A 403 -23.60 -13.61 4.45
C LEU A 403 -23.45 -12.15 4.04
N TYR A 404 -22.24 -11.61 4.12
CA TYR A 404 -21.99 -10.24 3.60
C TYR A 404 -22.45 -10.04 2.13
N PHE A 405 -22.08 -10.91 1.23
CA PHE A 405 -22.45 -10.76 -0.16
C PHE A 405 -23.94 -11.04 -0.36
N GLU A 406 -24.48 -12.01 0.38
CA GLU A 406 -25.89 -12.32 0.23
C GLU A 406 -26.72 -11.12 0.67
N ARG A 407 -26.32 -10.43 1.74
CA ARG A 407 -27.08 -9.28 2.15
C ARG A 407 -26.83 -8.04 1.28
N HIS A 408 -25.58 -7.83 0.86
CA HIS A 408 -25.16 -6.53 0.33
C HIS A 408 -24.81 -6.43 -1.16
N ASP A 409 -24.82 -7.53 -1.86
CA ASP A 409 -24.53 -7.56 -3.30
C ASP A 409 -25.49 -6.62 -3.99
N GLY A 410 -24.91 -5.75 -4.79
CA GLY A 410 -25.65 -4.72 -5.55
C GLY A 410 -25.94 -3.47 -4.80
N SER A 411 -25.34 -3.30 -3.63
CA SER A 411 -25.53 -2.07 -2.85
C SER A 411 -24.17 -1.48 -2.39
N ALA A 412 -24.24 -0.32 -1.77
CA ALA A 412 -23.16 0.40 -1.21
C ALA A 412 -23.29 0.31 0.29
N ALA A 413 -22.32 -0.35 0.94
CA ALA A 413 -22.47 -0.76 2.29
C ALA A 413 -21.54 0.02 3.21
N THR A 414 -21.58 -0.30 4.53
CA THR A 414 -20.73 0.32 5.49
C THR A 414 -19.84 -0.67 6.15
N CYS A 415 -18.78 -0.19 6.76
CA CYS A 415 -17.97 -1.02 7.65
C CYS A 415 -18.82 -1.74 8.66
N ASP A 416 -19.73 -1.02 9.28
CA ASP A 416 -20.63 -1.68 10.28
C ASP A 416 -21.45 -2.85 9.72
N ASP A 417 -21.94 -2.74 8.48
CA ASP A 417 -22.60 -3.87 7.80
C ASP A 417 -21.73 -5.11 7.73
N PHE A 418 -20.48 -4.91 7.46
CA PHE A 418 -19.55 -6.04 7.26
C PHE A 418 -19.30 -6.73 8.61
N VAL A 419 -19.00 -5.94 9.61
CA VAL A 419 -18.88 -6.49 10.96
C VAL A 419 -20.16 -7.21 11.40
N GLN A 420 -21.34 -6.62 11.15
CA GLN A 420 -22.58 -7.30 11.52
CA GLN A 420 -22.62 -7.25 11.49
C GLN A 420 -22.72 -8.63 10.81
N ALA A 421 -22.34 -8.69 9.52
CA ALA A 421 -22.38 -9.97 8.84
C ALA A 421 -21.46 -10.98 9.49
N MET A 422 -20.26 -10.55 9.85
CA MET A 422 -19.33 -11.48 10.47
C MET A 422 -19.89 -12.00 11.85
N GLU A 423 -20.44 -11.10 12.64
CA GLU A 423 -20.99 -11.42 13.95
C GLU A 423 -22.23 -12.33 13.83
N ASP A 424 -23.16 -12.00 12.93
CA ASP A 424 -24.35 -12.84 12.77
C ASP A 424 -24.01 -14.23 12.24
N ALA A 425 -23.07 -14.34 11.30
CA ALA A 425 -22.79 -15.61 10.75
C ALA A 425 -22.06 -16.50 11.75
N SER A 426 -21.19 -15.91 12.54
CA SER A 426 -20.31 -16.68 13.37
C SER A 426 -20.83 -16.90 14.79
N ASN A 427 -21.76 -16.08 15.24
CA ASN A 427 -22.16 -15.97 16.68
C ASN A 427 -21.05 -15.53 17.63
N VAL A 428 -20.00 -14.86 17.13
CA VAL A 428 -18.97 -14.23 17.96
C VAL A 428 -19.36 -12.78 18.12
N ASP A 429 -19.39 -12.32 19.36
CA ASP A 429 -19.80 -10.98 19.62
C ASP A 429 -18.65 -9.98 19.27
N LEU A 430 -18.92 -9.10 18.32
CA LEU A 430 -17.97 -8.10 17.89
C LEU A 430 -18.34 -6.70 18.31
N SER A 431 -19.17 -6.53 19.34
CA SER A 431 -19.56 -5.15 19.75
CA SER A 431 -19.56 -5.16 19.74
C SER A 431 -18.37 -4.36 20.25
N HIS A 432 -17.58 -4.95 21.12
CA HIS A 432 -16.41 -4.25 21.65
C HIS A 432 -15.41 -4.10 20.51
N PHE A 433 -15.27 -5.13 19.70
CA PHE A 433 -14.27 -5.14 18.61
C PHE A 433 -14.44 -3.93 17.67
N ARG A 434 -15.69 -3.51 17.47
CA ARG A 434 -16.00 -2.31 16.66
C ARG A 434 -15.24 -1.09 17.04
N ARG A 435 -14.73 -1.02 18.25
CA ARG A 435 -13.92 0.11 18.59
C ARG A 435 -12.65 0.22 17.75
N TRP A 436 -12.19 -0.87 17.14
CA TRP A 436 -11.04 -0.74 16.22
C TRP A 436 -11.34 0.15 15.02
N TYR A 437 -12.62 0.30 14.66
CA TYR A 437 -13.01 1.18 13.54
C TYR A 437 -13.01 2.64 13.92
N SER A 438 -13.21 2.94 15.19
CA SER A 438 -13.47 4.33 15.61
C SER A 438 -12.35 5.00 16.33
N GLN A 439 -11.36 4.24 16.78
CA GLN A 439 -10.28 4.82 17.55
C GLN A 439 -8.96 4.78 16.83
N SER A 440 -8.28 5.92 16.77
CA SER A 440 -6.98 5.99 16.18
C SER A 440 -5.85 5.67 17.21
N GLY A 441 -4.61 5.62 16.70
CA GLY A 441 -3.42 5.38 17.52
C GLY A 441 -3.12 3.88 17.72
N THR A 442 -1.92 3.59 18.19
CA THR A 442 -1.44 2.21 18.34
C THR A 442 -1.55 1.83 19.81
N PRO A 443 -2.31 0.79 20.15
CA PRO A 443 -2.26 0.36 21.54
C PRO A 443 -0.88 -0.13 21.96
N ILE A 444 -0.55 0.06 23.24
CA ILE A 444 0.66 -0.43 23.82
C ILE A 444 0.23 -1.49 24.82
N VAL A 445 0.65 -2.72 24.62
CA VAL A 445 0.31 -3.85 25.50
C VAL A 445 1.52 -4.22 26.33
N THR A 446 1.39 -4.10 27.65
CA THR A 446 2.47 -4.39 28.61
C THR A 446 2.16 -5.74 29.29
N VAL A 447 3.14 -6.63 29.29
CA VAL A 447 2.96 -8.00 29.81
C VAL A 447 4.02 -8.23 30.89
N LYS A 448 3.58 -8.79 32.01
CA LYS A 448 4.45 -9.26 33.08
C LYS A 448 4.05 -10.67 33.37
N ASP A 449 5.01 -11.50 33.77
CA ASP A 449 4.74 -12.94 33.99
C ASP A 449 5.22 -13.46 35.32
N ASP A 450 4.60 -14.53 35.78
CA ASP A 450 5.02 -15.13 37.05
C ASP A 450 4.84 -16.61 36.97
N TYR A 451 5.88 -17.35 37.31
CA TYR A 451 5.78 -18.81 37.46
C TYR A 451 5.85 -19.20 38.95
N ASN A 452 4.85 -19.96 39.35
CA ASN A 452 4.72 -20.45 40.70
C ASN A 452 4.93 -21.99 40.71
N PRO A 453 6.11 -22.44 41.17
CA PRO A 453 6.45 -23.82 41.12
C PRO A 453 5.64 -24.69 42.13
N GLU A 454 5.24 -24.09 43.24
CA GLU A 454 4.37 -24.81 44.18
C GLU A 454 3.02 -25.18 43.55
N THR A 455 2.34 -24.25 42.87
CA THR A 455 1.03 -24.55 42.21
C THR A 455 1.12 -25.05 40.77
N GLU A 456 2.32 -24.95 40.18
CA GLU A 456 2.53 -25.25 38.76
C GLU A 456 1.61 -24.43 37.85
N GLN A 457 1.60 -23.15 38.12
CA GLN A 457 0.82 -22.18 37.35
C GLN A 457 1.69 -21.09 36.83
N TYR A 458 1.40 -20.73 35.58
CA TYR A 458 1.99 -19.57 34.91
C TYR A 458 0.93 -18.48 34.80
N THR A 459 1.23 -17.29 35.30
CA THR A 459 0.31 -16.19 35.32
C THR A 459 0.88 -15.08 34.45
N LEU A 460 0.10 -14.68 33.41
CA LEU A 460 0.38 -13.43 32.66
C LEU A 460 -0.54 -12.31 33.10
N THR A 461 0.04 -11.17 33.44
CA THR A 461 -0.65 -9.95 33.78
C THR A 461 -0.49 -9.02 32.61
N ILE A 462 -1.58 -8.82 31.87
CA ILE A 462 -1.58 -8.01 30.63
C ILE A 462 -2.35 -6.71 30.76
N SER A 463 -1.70 -5.66 30.33
CA SER A 463 -2.30 -4.37 30.44
C SER A 463 -2.26 -3.67 29.08
N GLN A 464 -3.18 -2.76 28.84
CA GLN A 464 -3.22 -2.00 27.58
C GLN A 464 -3.53 -0.55 27.79
N ARG A 465 -2.99 0.28 26.91
CA ARG A 465 -3.48 1.65 26.76
C ARG A 465 -3.08 2.19 25.43
N THR A 466 -3.90 3.08 24.93
CA THR A 466 -3.55 3.77 23.71
C THR A 466 -3.33 5.21 24.05
N PRO A 467 -2.14 5.75 23.83
CA PRO A 467 -1.99 7.17 24.03
C PRO A 467 -2.89 8.05 23.18
N ALA A 468 -3.24 9.19 23.74
CA ALA A 468 -4.04 10.15 23.03
C ALA A 468 -3.32 10.58 21.73
N THR A 469 -4.10 10.94 20.72
CA THR A 469 -3.61 11.42 19.47
C THR A 469 -4.20 12.82 19.28
N PRO A 470 -3.67 13.60 18.33
CA PRO A 470 -4.14 14.95 18.14
C PRO A 470 -5.62 15.04 17.75
N ASP A 471 -6.13 13.98 17.11
CA ASP A 471 -7.54 13.96 16.69
C ASP A 471 -8.53 13.49 17.75
N GLN A 472 -8.07 12.77 18.77
CA GLN A 472 -8.92 12.20 19.79
C GLN A 472 -8.33 12.29 21.19
N ALA A 473 -9.00 13.01 22.07
CA ALA A 473 -8.48 13.14 23.46
C ALA A 473 -8.91 12.01 24.37
N GLU A 474 -9.89 11.21 23.98
CA GLU A 474 -10.32 10.10 24.81
C GLU A 474 -9.93 8.84 24.07
N LYS A 475 -9.42 7.88 24.82
CA LYS A 475 -9.08 6.55 24.30
C LYS A 475 -9.61 5.52 25.31
N GLN A 476 -10.02 4.37 24.84
CA GLN A 476 -10.58 3.32 25.67
C GLN A 476 -9.99 1.98 25.21
N PRO A 477 -10.02 0.97 26.09
CA PRO A 477 -9.49 -0.33 25.79
C PRO A 477 -10.18 -1.01 24.59
N LEU A 478 -9.41 -1.77 23.85
CA LEU A 478 -9.88 -2.49 22.67
C LEU A 478 -10.00 -3.93 22.98
N HIS A 479 -10.69 -4.64 22.08
CA HIS A 479 -10.71 -6.09 22.14
C HIS A 479 -9.52 -6.59 21.33
N ILE A 480 -8.46 -6.96 22.04
CA ILE A 480 -7.21 -7.35 21.46
C ILE A 480 -7.09 -8.86 21.49
N PRO A 481 -7.04 -9.48 20.33
CA PRO A 481 -6.68 -10.89 20.33
C PRO A 481 -5.16 -11.08 20.45
N PHE A 482 -4.73 -11.76 21.51
CA PHE A 482 -3.34 -11.81 21.97
C PHE A 482 -2.92 -13.26 22.06
N ALA A 483 -2.35 -13.72 20.98
CA ALA A 483 -1.97 -15.13 20.81
C ALA A 483 -0.65 -15.41 21.51
N ILE A 484 -0.62 -16.50 22.26
CA ILE A 484 0.56 -16.91 22.96
C ILE A 484 0.88 -18.36 22.64
N GLU A 485 2.13 -18.72 22.97
CA GLU A 485 2.58 -20.08 23.02
C GLU A 485 3.63 -20.27 24.11
N LEU A 486 3.58 -21.39 24.82
CA LEU A 486 4.51 -21.60 25.92
C LEU A 486 5.44 -22.74 25.63
N TYR A 487 6.74 -22.56 25.86
CA TYR A 487 7.77 -23.60 25.55
C TYR A 487 8.46 -24.15 26.79
N ASP A 488 8.60 -25.46 26.84
CA ASP A 488 9.43 -26.06 27.87
C ASP A 488 10.89 -25.93 27.48
N ASN A 489 11.80 -26.44 28.30
CA ASN A 489 13.19 -26.10 27.96
C ASN A 489 13.84 -26.99 26.90
N GLU A 490 13.09 -27.91 26.34
CA GLU A 490 13.57 -28.62 25.15
C GLU A 490 12.90 -28.11 23.92
N GLY A 491 12.13 -27.02 24.06
CA GLY A 491 11.40 -26.50 22.90
C GLY A 491 10.06 -27.14 22.51
N LYS A 492 9.41 -27.88 23.40
CA LYS A 492 8.11 -28.48 23.10
C LYS A 492 7.10 -27.56 23.67
N VAL A 493 5.99 -27.44 22.94
CA VAL A 493 4.85 -26.68 23.33
C VAL A 493 4.18 -27.29 24.56
N ILE A 494 3.87 -26.44 25.54
CA ILE A 494 3.14 -26.82 26.75
C ILE A 494 1.64 -26.62 26.47
N PRO A 495 0.80 -27.68 26.56
CA PRO A 495 -0.65 -27.49 26.34
C PRO A 495 -1.22 -26.45 27.27
N LEU A 496 -1.99 -25.51 26.73
CA LEU A 496 -2.59 -24.49 27.59
C LEU A 496 -3.89 -24.99 28.18
N GLN A 497 -4.06 -24.81 29.48
CA GLN A 497 -5.24 -25.28 30.18
C GLN A 497 -5.37 -24.65 31.50
N LYS A 498 -6.57 -24.72 32.05
CA LYS A 498 -6.91 -24.21 33.36
C LYS A 498 -8.09 -25.00 33.92
N GLY A 499 -8.07 -25.32 35.21
CA GLY A 499 -9.11 -26.14 35.87
C GLY A 499 -9.49 -27.39 35.11
N GLY A 500 -8.52 -28.03 34.50
CA GLY A 500 -8.79 -29.27 33.74
C GLY A 500 -9.34 -29.14 32.34
N HIS A 501 -9.54 -27.91 31.83
CA HIS A 501 -10.07 -27.71 30.45
C HIS A 501 -9.02 -27.06 29.55
N PRO A 502 -8.89 -27.50 28.27
CA PRO A 502 -8.07 -26.68 27.38
C PRO A 502 -8.54 -25.23 27.28
N VAL A 503 -7.57 -24.36 27.10
CA VAL A 503 -7.73 -22.94 26.96
C VAL A 503 -7.18 -22.56 25.58
N ASN A 504 -7.95 -21.69 24.95
CA ASN A 504 -7.59 -21.19 23.62
C ASN A 504 -6.31 -20.37 23.69
N SER A 505 -5.44 -20.55 22.74
CA SER A 505 -4.17 -19.82 22.74
C SER A 505 -4.28 -18.32 22.30
N VAL A 506 -5.44 -17.92 21.76
CA VAL A 506 -5.75 -16.54 21.53
C VAL A 506 -6.40 -15.97 22.75
N LEU A 507 -5.66 -15.22 23.56
CA LEU A 507 -6.32 -14.60 24.71
C LEU A 507 -7.19 -13.38 24.34
N ASN A 508 -8.31 -13.17 25.01
CA ASN A 508 -9.11 -11.97 24.81
C ASN A 508 -8.72 -10.84 25.74
N VAL A 509 -7.86 -9.96 25.28
CA VAL A 509 -7.38 -8.88 26.11
C VAL A 509 -8.29 -7.70 25.90
N THR A 510 -9.32 -7.62 26.75
CA THR A 510 -10.40 -6.65 26.61
C THR A 510 -10.46 -5.52 27.62
N GLN A 511 -9.66 -5.63 28.66
CA GLN A 511 -9.62 -4.67 29.70
C GLN A 511 -8.32 -3.95 29.73
N ALA A 512 -8.30 -2.86 30.48
CA ALA A 512 -7.09 -2.11 30.79
C ALA A 512 -6.07 -3.00 31.48
N GLU A 513 -6.54 -3.97 32.28
CA GLU A 513 -5.66 -4.75 33.13
C GLU A 513 -6.39 -6.06 33.41
N GLN A 514 -5.73 -7.17 33.17
CA GLN A 514 -6.27 -8.49 33.54
C GLN A 514 -5.14 -9.54 33.71
N THR A 515 -5.46 -10.69 34.28
CA THR A 515 -4.49 -11.75 34.42
C THR A 515 -5.04 -12.93 33.75
N PHE A 516 -4.16 -13.78 33.28
CA PHE A 516 -4.57 -15.08 32.70
C PHE A 516 -3.69 -16.12 33.36
N VAL A 517 -4.31 -17.16 33.93
CA VAL A 517 -3.67 -18.19 34.70
C VAL A 517 -3.76 -19.48 33.95
N PHE A 518 -2.60 -20.16 33.81
CA PHE A 518 -2.45 -21.46 33.14
C PHE A 518 -1.95 -22.48 34.12
N ASP A 519 -2.65 -23.63 34.19
CA ASP A 519 -2.40 -24.71 35.15
CA ASP A 519 -2.30 -24.65 35.17
C ASP A 519 -1.56 -25.76 34.46
N ASN A 520 -1.04 -26.70 35.26
CA ASN A 520 -0.35 -27.86 34.68
C ASN A 520 0.86 -27.37 33.86
N VAL A 521 1.50 -26.31 34.37
CA VAL A 521 2.74 -25.82 33.79
C VAL A 521 3.81 -26.42 34.68
N TYR A 522 4.35 -27.54 34.25
CA TYR A 522 5.23 -28.33 35.15
C TYR A 522 6.64 -27.76 35.26
N PHE A 523 7.11 -27.06 34.24
CA PHE A 523 8.39 -26.44 34.28
C PHE A 523 8.28 -25.01 33.79
N GLN A 524 9.13 -24.13 34.32
CA GLN A 524 9.07 -22.71 33.97
C GLN A 524 9.11 -22.51 32.43
N PRO A 525 8.16 -21.81 31.84
CA PRO A 525 8.08 -21.78 30.41
C PRO A 525 8.82 -20.58 29.85
N VAL A 526 9.16 -20.61 28.58
CA VAL A 526 9.56 -19.44 27.84
C VAL A 526 8.38 -19.12 26.94
N PRO A 527 7.85 -17.89 27.01
CA PRO A 527 6.65 -17.57 26.22
C PRO A 527 7.00 -17.03 24.88
N ALA A 528 6.23 -17.39 23.83
CA ALA A 528 6.09 -16.57 22.63
C ALA A 528 4.82 -15.72 22.78
N LEU A 529 4.95 -14.43 22.52
CA LEU A 529 3.90 -13.46 22.77
C LEU A 529 3.52 -12.74 21.50
N LEU A 530 2.24 -12.46 21.36
CA LEU A 530 1.65 -11.78 20.21
C LEU A 530 2.03 -12.52 18.96
N CYS A 531 1.84 -13.84 18.97
CA CYS A 531 2.24 -14.67 17.82
C CYS A 531 1.56 -14.25 16.53
N GLU A 532 2.33 -14.35 15.45
CA GLU A 532 1.94 -13.91 14.15
C GLU A 532 1.43 -12.46 14.08
N PHE A 533 1.89 -11.63 15.04
CA PHE A 533 1.42 -10.23 15.26
C PHE A 533 -0.10 -10.25 15.23
N SER A 534 -0.68 -10.89 16.26
CA SER A 534 -2.09 -11.22 16.26
C SER A 534 -2.95 -9.96 16.45
N ALA A 535 -2.33 -8.85 16.86
CA ALA A 535 -3.01 -7.58 16.89
C ALA A 535 -1.99 -6.47 16.60
N PRO A 536 -2.45 -5.34 16.06
CA PRO A 536 -1.53 -4.28 15.64
C PRO A 536 -1.25 -3.36 16.80
N VAL A 537 -0.31 -3.82 17.63
CA VAL A 537 -0.03 -3.22 18.93
C VAL A 537 1.48 -3.23 19.19
N LYS A 538 1.94 -2.31 20.02
CA LYS A 538 3.30 -2.35 20.51
C LYS A 538 3.31 -3.28 21.69
N LEU A 539 4.35 -4.10 21.85
CA LEU A 539 4.45 -5.06 22.95
C LEU A 539 5.56 -4.64 23.87
N GLU A 540 5.29 -4.50 25.16
CA GLU A 540 6.34 -4.20 26.12
CA GLU A 540 6.31 -4.18 26.16
C GLU A 540 6.45 -5.38 27.05
N TYR A 541 7.52 -6.15 26.86
CA TYR A 541 7.82 -7.28 27.74
C TYR A 541 9.31 -7.34 27.86
N LYS A 542 9.82 -7.59 29.06
CA LYS A 542 11.31 -7.57 29.22
C LYS A 542 11.88 -8.94 29.07
N TRP A 543 12.08 -9.26 27.80
CA TRP A 543 12.75 -10.45 27.39
C TRP A 543 14.17 -10.44 27.92
N SER A 544 14.70 -11.63 28.18
CA SER A 544 16.13 -11.81 28.38
C SER A 544 16.69 -12.19 27.02
N ASP A 545 17.98 -11.92 26.81
CA ASP A 545 18.62 -12.27 25.57
C ASP A 545 18.49 -13.75 25.31
N GLN A 546 18.60 -14.55 26.38
CA GLN A 546 18.58 -15.99 26.25
C GLN A 546 17.20 -16.55 25.87
N GLN A 547 16.15 -15.94 26.38
CA GLN A 547 14.79 -16.33 26.02
C GLN A 547 14.64 -16.08 24.50
N LEU A 548 15.15 -14.96 24.02
CA LEU A 548 15.04 -14.61 22.64
C LEU A 548 15.84 -15.56 21.73
N THR A 549 17.06 -15.91 22.11
CA THR A 549 17.83 -16.80 21.28
C THR A 549 17.25 -18.21 21.36
N PHE A 550 16.66 -18.55 22.46
CA PHE A 550 15.94 -19.82 22.56
C PHE A 550 14.78 -19.84 21.53
N LEU A 551 14.02 -18.78 21.49
CA LEU A 551 12.95 -18.71 20.50
C LEU A 551 13.48 -18.77 19.09
N MET A 552 14.64 -18.17 18.86
CA MET A 552 15.20 -18.20 17.49
C MET A 552 15.59 -19.62 17.06
N ARG A 553 15.86 -20.42 18.06
CA ARG A 553 16.31 -21.80 17.84
C ARG A 553 15.15 -22.79 17.84
N HIS A 554 14.04 -22.45 18.50
CA HIS A 554 13.02 -23.44 18.86
C HIS A 554 11.59 -23.07 18.52
N ALA A 555 11.27 -21.79 18.35
CA ALA A 555 9.89 -21.46 18.11
C ALA A 555 9.32 -22.24 16.91
N ARG A 556 8.11 -22.73 17.08
CA ARG A 556 7.44 -23.52 16.03
C ARG A 556 7.04 -22.70 14.81
N ASN A 557 6.50 -21.49 14.98
CA ASN A 557 6.18 -20.64 13.83
C ASN A 557 7.39 -19.80 13.36
N ASP A 558 7.65 -19.78 12.07
CA ASP A 558 8.71 -19.02 11.51
C ASP A 558 8.65 -17.58 11.90
N PHE A 559 7.47 -16.99 11.87
CA PHE A 559 7.34 -15.60 12.26
C PHE A 559 7.93 -15.33 13.64
N SER A 560 7.68 -16.21 14.61
CA SER A 560 8.14 -16.00 15.96
C SER A 560 9.63 -16.04 16.04
N ARG A 561 10.27 -16.83 15.17
CA ARG A 561 11.73 -16.82 15.14
C ARG A 561 12.26 -15.49 14.70
N TRP A 562 11.66 -14.97 13.63
CA TRP A 562 12.01 -13.64 13.12
C TRP A 562 11.78 -12.56 14.19
N ASP A 563 10.63 -12.61 14.77
CA ASP A 563 10.23 -11.55 15.69
C ASP A 563 11.16 -11.51 16.91
N ALA A 564 11.51 -12.70 17.40
CA ALA A 564 12.46 -12.78 18.48
C ALA A 564 13.81 -12.14 18.13
N ALA A 565 14.29 -12.39 16.95
CA ALA A 565 15.50 -11.73 16.49
C ALA A 565 15.35 -10.21 16.44
N GLN A 566 14.16 -9.74 16.07
CA GLN A 566 13.92 -8.31 16.07
C GLN A 566 13.94 -7.76 17.52
N SER A 567 13.36 -8.47 18.47
CA SER A 567 13.40 -7.98 19.83
C SER A 567 14.86 -8.02 20.37
N LEU A 568 15.65 -9.01 19.96
CA LEU A 568 17.05 -9.11 20.39
C LEU A 568 17.81 -7.89 19.91
N LEU A 569 17.63 -7.58 18.61
CA LEU A 569 18.31 -6.44 18.04
C LEU A 569 17.86 -5.10 18.62
N ALA A 570 16.55 -4.92 18.87
CA ALA A 570 16.01 -3.65 19.37
C ALA A 570 16.78 -3.11 20.57
N THR A 571 17.04 -3.99 21.53
CA THR A 571 17.82 -3.56 22.72
C THR A 571 19.16 -2.97 22.34
N TYR A 572 19.82 -3.54 21.37
CA TYR A 572 21.17 -3.10 20.99
C TYR A 572 21.17 -1.96 20.02
N ILE A 573 20.08 -1.83 19.25
CA ILE A 573 19.87 -0.62 18.43
C ILE A 573 19.75 0.63 19.28
N LYS A 574 18.91 0.54 20.28
CA LYS A 574 18.70 1.58 21.28
C LYS A 574 20.00 1.91 22.05
N LEU A 575 20.71 0.88 22.49
CA LEU A 575 21.95 1.05 23.21
C LEU A 575 22.89 1.90 22.38
N ASN A 576 23.03 1.50 21.13
CA ASN A 576 24.02 2.11 20.30
C ASN A 576 23.70 3.46 19.70
N VAL A 577 22.41 3.75 19.54
CA VAL A 577 22.00 5.14 19.19
C VAL A 577 22.36 6.05 20.36
N ALA A 578 22.12 5.63 21.61
CA ALA A 578 22.56 6.51 22.77
C ALA A 578 24.06 6.68 22.80
N ARG A 579 24.77 5.60 22.50
CA ARG A 579 26.23 5.72 22.37
C ARG A 579 26.63 6.67 21.23
N HIS A 580 25.95 6.56 20.10
CA HIS A 580 26.35 7.35 18.96
C HIS A 580 26.25 8.84 19.32
N GLN A 581 25.20 9.19 20.01
CA GLN A 581 25.00 10.57 20.41
C GLN A 581 26.08 11.15 21.36
N GLN A 582 26.80 10.28 22.06
CA GLN A 582 27.91 10.67 22.88
C GLN A 582 29.24 10.39 22.23
N GLY A 583 29.27 10.16 20.93
CA GLY A 583 30.53 9.89 20.29
C GLY A 583 31.17 8.49 20.52
N GLN A 584 30.39 7.50 20.97
CA GLN A 584 30.97 6.18 21.34
C GLN A 584 30.68 5.14 20.29
N PRO A 585 31.62 4.23 20.03
CA PRO A 585 31.38 3.32 18.92
C PRO A 585 30.50 2.11 19.30
N LEU A 586 30.14 1.35 18.29
CA LEU A 586 29.19 0.28 18.48
C LEU A 586 29.64 -0.74 19.50
N SER A 587 28.74 -1.19 20.37
CA SER A 587 29.03 -2.25 21.36
C SER A 587 27.98 -3.29 21.17
N LEU A 588 28.37 -4.57 20.94
CA LEU A 588 27.43 -5.68 20.77
C LEU A 588 27.93 -6.93 21.44
N PRO A 589 27.18 -7.51 22.37
CA PRO A 589 27.75 -8.72 22.96
C PRO A 589 28.01 -9.80 21.95
N VAL A 590 29.07 -10.54 22.17
CA VAL A 590 29.44 -11.75 21.44
C VAL A 590 28.27 -12.68 21.24
N HIS A 591 27.51 -12.96 22.29
CA HIS A 591 26.40 -13.88 22.17
C HIS A 591 25.29 -13.38 21.18
N VAL A 592 25.24 -12.09 20.82
CA VAL A 592 24.27 -11.65 19.87
C VAL A 592 24.72 -12.01 18.50
N ALA A 593 25.94 -11.64 18.15
CA ALA A 593 26.55 -12.08 16.87
C ALA A 593 26.40 -13.56 16.67
N ASP A 594 26.67 -14.31 17.71
CA ASP A 594 26.57 -15.74 17.59
C ASP A 594 25.17 -16.24 17.32
N ALA A 595 24.14 -15.55 17.77
CA ALA A 595 22.79 -16.01 17.46
C ALA A 595 22.51 -15.91 15.93
N PHE A 596 23.02 -14.88 15.28
CA PHE A 596 22.94 -14.81 13.83
C PHE A 596 23.87 -15.80 13.14
N ARG A 597 25.05 -16.06 13.69
CA ARG A 597 25.92 -17.12 13.15
C ARG A 597 25.16 -18.47 13.10
N ALA A 598 24.48 -18.75 14.19
CA ALA A 598 23.74 -19.99 14.29
C ALA A 598 22.63 -20.09 13.18
N VAL A 599 21.99 -18.97 12.87
CA VAL A 599 20.97 -18.95 11.84
C VAL A 599 21.64 -19.19 10.47
N LEU A 600 22.78 -18.59 10.24
CA LEU A 600 23.55 -18.86 9.05
C LEU A 600 23.94 -20.31 8.84
N LEU A 601 24.28 -21.01 9.92
CA LEU A 601 24.75 -22.37 9.79
C LEU A 601 23.67 -23.42 10.07
N ASP A 602 22.43 -23.03 10.36
CA ASP A 602 21.39 -24.03 10.57
C ASP A 602 20.83 -24.47 9.22
N GLU A 603 21.12 -25.69 8.86
CA GLU A 603 20.60 -26.34 7.64
C GLU A 603 19.09 -26.58 7.65
N LYS A 604 18.48 -26.67 8.81
CA LYS A 604 17.05 -26.96 8.89
C LYS A 604 16.12 -25.70 8.75
N ILE A 605 16.68 -24.49 8.83
CA ILE A 605 15.86 -23.27 8.73
C ILE A 605 15.56 -23.10 7.23
N ASP A 606 14.33 -22.86 6.91
CA ASP A 606 13.94 -22.43 5.57
C ASP A 606 14.76 -21.22 5.18
N PRO A 607 15.44 -21.26 4.01
CA PRO A 607 16.19 -20.10 3.55
C PRO A 607 15.37 -18.81 3.46
N ALA A 608 14.08 -18.93 3.18
CA ALA A 608 13.21 -17.77 3.13
C ALA A 608 13.21 -17.01 4.47
N LEU A 609 13.14 -17.77 5.55
CA LEU A 609 13.22 -17.27 6.93
C LEU A 609 14.62 -16.76 7.27
N ALA A 610 15.64 -17.58 7.01
CA ALA A 610 16.99 -17.19 7.34
C ALA A 610 17.27 -15.85 6.73
N ALA A 611 16.81 -15.68 5.49
CA ALA A 611 17.06 -14.46 4.78
C ALA A 611 16.47 -13.17 5.49
N GLU A 612 15.26 -13.30 6.03
CA GLU A 612 14.56 -12.20 6.74
CA GLU A 612 14.62 -12.16 6.64
C GLU A 612 15.23 -11.87 8.05
N ILE A 613 15.67 -12.90 8.77
CA ILE A 613 16.39 -12.71 10.03
C ILE A 613 17.71 -11.99 9.79
N LEU A 614 18.33 -12.25 8.65
CA LEU A 614 19.58 -11.65 8.24
C LEU A 614 19.38 -10.34 7.43
N THR A 615 18.16 -9.84 7.37
CA THR A 615 17.89 -8.51 6.83
C THR A 615 17.59 -7.60 8.05
N LEU A 616 18.45 -6.65 8.32
CA LEU A 616 18.31 -5.83 9.52
C LEU A 616 17.10 -4.90 9.37
N PRO A 617 16.49 -4.51 10.49
CA PRO A 617 15.37 -3.58 10.42
C PRO A 617 15.79 -2.35 9.64
N SER A 618 14.92 -1.83 8.83
CA SER A 618 15.19 -0.60 8.07
C SER A 618 15.29 0.63 9.01
N VAL A 619 15.75 1.75 8.49
CA VAL A 619 15.81 2.97 9.32
C VAL A 619 14.45 3.43 9.82
N ASN A 620 13.41 3.10 9.07
CA ASN A 620 12.05 3.38 9.48
C ASN A 620 11.59 2.45 10.59
N GLU A 621 11.88 1.17 10.51
CA GLU A 621 11.56 0.32 11.63
C GLU A 621 12.40 0.75 12.86
N MET A 622 13.63 1.22 12.64
CA MET A 622 14.51 1.55 13.79
C MET A 622 13.95 2.77 14.51
N ALA A 623 13.49 3.75 13.72
CA ALA A 623 12.85 4.94 14.25
C ALA A 623 11.67 4.69 15.17
N GLU A 624 10.82 3.70 14.91
CA GLU A 624 9.68 3.32 15.77
CA GLU A 624 9.65 3.54 15.81
C GLU A 624 10.11 3.02 17.19
N LEU A 625 11.38 2.62 17.38
CA LEU A 625 11.82 2.19 18.71
C LEU A 625 11.95 3.38 19.65
N PHE A 626 11.94 4.60 19.13
CA PHE A 626 12.37 5.78 19.89
C PHE A 626 11.26 6.79 20.07
N ASP A 627 11.31 7.61 21.10
CA ASP A 627 10.34 8.76 21.27
C ASP A 627 10.75 9.93 20.42
N ILE A 628 12.01 10.32 20.53
CA ILE A 628 12.57 11.30 19.66
C ILE A 628 13.49 10.59 18.62
N ILE A 629 13.35 10.91 17.34
CA ILE A 629 14.11 10.27 16.32
C ILE A 629 15.41 11.04 16.07
N ASP A 630 16.54 10.35 16.20
CA ASP A 630 17.80 10.86 15.71
C ASP A 630 18.19 10.14 14.40
N PRO A 631 17.87 10.76 13.27
CA PRO A 631 17.97 10.04 12.01
C PRO A 631 19.41 9.77 11.60
N ILE A 632 20.33 10.66 11.99
CA ILE A 632 21.75 10.47 11.73
C ILE A 632 22.33 9.29 12.56
N ALA A 633 22.04 9.27 13.86
CA ALA A 633 22.46 8.17 14.72
C ALA A 633 21.92 6.82 14.25
N ILE A 634 20.64 6.80 13.86
CA ILE A 634 20.03 5.56 13.39
C ILE A 634 20.72 5.10 12.12
N ALA A 635 20.97 5.99 11.18
CA ALA A 635 21.55 5.55 9.91
C ALA A 635 22.97 5.01 10.12
N GLU A 636 23.71 5.73 10.96
CA GLU A 636 25.09 5.34 11.25
C GLU A 636 25.22 4.10 12.13
N VAL A 637 24.31 3.91 13.07
CA VAL A 637 24.28 2.68 13.87
C VAL A 637 23.93 1.52 12.95
N ARG A 638 23.01 1.74 12.02
CA ARG A 638 22.62 0.62 11.12
C ARG A 638 23.80 0.15 10.26
N GLU A 639 24.56 1.08 9.73
CA GLU A 639 25.74 0.73 9.00
C GLU A 639 26.78 0.09 9.89
N ALA A 640 26.92 0.60 11.11
CA ALA A 640 27.99 0.07 12.04
C ALA A 640 27.67 -1.36 12.44
N LEU A 641 26.39 -1.63 12.66
CA LEU A 641 25.92 -2.93 12.98
C LEU A 641 26.17 -3.87 11.80
N THR A 642 25.87 -3.39 10.60
CA THR A 642 26.12 -4.17 9.42
C THR A 642 27.64 -4.51 9.34
N ARG A 643 28.50 -3.51 9.55
CA ARG A 643 29.94 -3.77 9.48
C ARG A 643 30.43 -4.73 10.55
N THR A 644 29.90 -4.60 11.75
CA THR A 644 30.26 -5.53 12.84
C THR A 644 29.93 -6.96 12.57
N LEU A 645 28.75 -7.22 12.08
CA LEU A 645 28.35 -8.58 11.73
C LEU A 645 29.09 -9.04 10.53
N ALA A 646 29.39 -8.13 9.63
CA ALA A 646 30.16 -8.53 8.41
C ALA A 646 31.55 -9.06 8.79
N THR A 647 32.19 -8.38 9.75
CA THR A 647 33.49 -8.80 10.27
C THR A 647 33.39 -10.08 11.10
N GLU A 648 32.52 -10.13 12.09
CA GLU A 648 32.39 -11.33 12.92
C GLU A 648 31.92 -12.55 12.17
N LEU A 649 31.16 -12.39 11.07
CA LEU A 649 30.58 -13.55 10.37
C LEU A 649 31.12 -13.75 8.98
N ALA A 650 32.23 -13.12 8.65
CA ALA A 650 32.74 -13.13 7.27
C ALA A 650 32.86 -14.50 6.62
N ASP A 651 33.43 -15.46 7.32
CA ASP A 651 33.66 -16.78 6.75
C ASP A 651 32.29 -17.44 6.45
N GLU A 652 31.39 -17.37 7.41
CA GLU A 652 30.12 -18.03 7.31
C GLU A 652 29.28 -17.36 6.23
N LEU A 653 29.25 -16.02 6.23
CA LEU A 653 28.59 -15.27 5.19
C LEU A 653 29.05 -15.69 3.78
N LEU A 654 30.35 -15.84 3.60
CA LEU A 654 30.84 -16.20 2.28
C LEU A 654 30.42 -17.64 1.88
N ALA A 655 30.42 -18.53 2.85
CA ALA A 655 30.07 -19.89 2.57
C ALA A 655 28.60 -20.02 2.17
N ILE A 656 27.73 -19.32 2.88
CA ILE A 656 26.32 -19.41 2.58
C ILE A 656 25.98 -18.71 1.28
N TYR A 657 26.61 -17.59 1.02
CA TYR A 657 26.55 -16.93 -0.25
C TYR A 657 26.83 -17.88 -1.43
N ASN A 658 28.00 -18.55 -1.34
CA ASN A 658 28.44 -19.50 -2.38
C ASN A 658 27.53 -20.70 -2.43
N ALA A 659 27.08 -21.21 -1.30
CA ALA A 659 26.25 -22.39 -1.33
C ALA A 659 24.90 -22.12 -2.01
N ASN A 660 24.42 -20.87 -1.99
CA ASN A 660 23.12 -20.50 -2.53
C ASN A 660 23.15 -19.94 -3.93
N TYR A 661 24.33 -19.95 -4.54
CA TYR A 661 24.46 -19.79 -5.98
C TYR A 661 23.46 -20.68 -6.81
N GLN A 662 22.83 -20.11 -7.83
CA GLN A 662 21.86 -20.80 -8.74
C GLN A 662 22.19 -20.36 -10.18
N SER A 663 22.60 -21.31 -11.00
CA SER A 663 22.97 -20.91 -12.40
C SER A 663 21.71 -20.66 -13.23
N GLU A 664 20.63 -21.40 -12.99
CA GLU A 664 19.36 -21.15 -13.68
C GLU A 664 18.58 -20.03 -12.92
N TYR A 665 18.06 -19.04 -13.65
CA TYR A 665 17.06 -18.10 -13.08
C TYR A 665 15.59 -18.54 -13.27
N ARG A 666 14.89 -18.75 -12.16
CA ARG A 666 13.49 -18.98 -12.19
C ARG A 666 12.75 -18.11 -11.20
N VAL A 667 11.55 -17.69 -11.62
CA VAL A 667 10.61 -17.03 -10.76
C VAL A 667 9.75 -18.08 -10.08
N GLU A 668 10.32 -18.71 -9.09
CA GLU A 668 9.70 -19.79 -8.36
C GLU A 668 10.09 -19.58 -6.89
N HIS A 669 9.18 -19.85 -5.97
CA HIS A 669 9.32 -19.41 -4.60
C HIS A 669 10.54 -19.93 -3.90
N GLU A 670 10.90 -21.19 -4.14
CA GLU A 670 12.10 -21.73 -3.53
C GLU A 670 13.33 -21.10 -4.08
N ASP A 671 13.37 -20.86 -5.38
CA ASP A 671 14.51 -20.12 -5.97
C ASP A 671 14.63 -18.70 -5.47
N ILE A 672 13.47 -18.04 -5.32
CA ILE A 672 13.45 -16.68 -4.83
C ILE A 672 14.04 -16.65 -3.41
N ALA A 673 13.71 -17.64 -2.63
CA ALA A 673 14.17 -17.71 -1.27
C ALA A 673 15.65 -17.90 -1.15
N LYS A 674 16.20 -18.85 -1.92
CA LYS A 674 17.63 -18.98 -1.90
C LYS A 674 18.32 -17.70 -2.36
N ARG A 675 17.78 -17.08 -3.39
CA ARG A 675 18.38 -15.85 -3.86
C ARG A 675 18.32 -14.72 -2.79
N THR A 676 17.23 -14.66 -2.05
CA THR A 676 17.08 -13.64 -1.05
CA THR A 676 17.08 -13.64 -1.01
C THR A 676 18.10 -13.90 0.08
N LEU A 677 18.41 -15.17 0.36
CA LEU A 677 19.39 -15.50 1.40
C LEU A 677 20.78 -15.13 0.93
N ARG A 678 21.07 -15.54 -0.31
CA ARG A 678 22.30 -15.22 -0.93
C ARG A 678 22.56 -13.73 -0.87
N ASN A 679 21.58 -12.96 -1.35
CA ASN A 679 21.72 -11.48 -1.43
C ASN A 679 21.67 -10.77 -0.06
N ALA A 680 21.07 -11.41 0.89
CA ALA A 680 21.22 -11.02 2.30
C ALA A 680 22.63 -11.09 2.79
N CYS A 681 23.27 -12.22 2.50
CA CYS A 681 24.70 -12.38 2.80
C CYS A 681 25.55 -11.32 2.11
N LEU A 682 25.22 -11.07 0.85
CA LEU A 682 25.93 -10.10 0.09
C LEU A 682 25.92 -8.73 0.73
N ARG A 683 24.81 -8.34 1.35
CA ARG A 683 24.83 -6.99 1.94
C ARG A 683 25.97 -6.84 2.98
N PHE A 684 26.20 -7.88 3.75
CA PHE A 684 27.27 -7.84 4.74
C PHE A 684 28.66 -7.99 4.08
N LEU A 685 28.76 -8.87 3.09
CA LEU A 685 30.02 -9.09 2.40
C LEU A 685 30.52 -7.82 1.73
N ALA A 686 29.60 -6.94 1.33
CA ALA A 686 29.98 -5.68 0.77
C ALA A 686 30.77 -4.82 1.74
N PHE A 687 30.60 -5.06 3.02
CA PHE A 687 31.34 -4.40 4.08
C PHE A 687 32.58 -5.19 4.60
N GLY A 688 33.02 -6.25 3.95
CA GLY A 688 34.30 -6.87 4.32
C GLY A 688 35.49 -5.99 3.90
N GLU A 689 36.66 -6.63 3.92
CA GLU A 689 37.93 -6.03 3.39
C GLU A 689 37.61 -5.51 1.97
N THR A 690 38.02 -4.28 1.71
CA THR A 690 37.58 -3.52 0.54
C THR A 690 37.87 -4.17 -0.74
N HIS A 691 39.06 -4.70 -0.87
CA HIS A 691 39.39 -5.42 -2.07
C HIS A 691 38.65 -6.74 -2.28
N LEU A 692 38.46 -7.60 -1.26
CA LEU A 692 37.51 -8.76 -1.39
C LEU A 692 36.10 -8.31 -1.82
N ALA A 693 35.60 -7.27 -1.15
CA ALA A 693 34.25 -6.84 -1.33
C ALA A 693 34.03 -6.25 -2.72
N ASP A 694 34.94 -5.42 -3.16
CA ASP A 694 34.83 -4.74 -4.45
C ASP A 694 34.79 -5.75 -5.57
N VAL A 695 35.68 -6.74 -5.49
CA VAL A 695 35.74 -7.81 -6.50
C VAL A 695 34.47 -8.66 -6.54
N LEU A 696 34.00 -9.06 -5.39
CA LEU A 696 32.84 -9.90 -5.28
C LEU A 696 31.56 -9.19 -5.81
N VAL A 697 31.38 -7.93 -5.42
CA VAL A 697 30.20 -7.17 -5.78
C VAL A 697 30.22 -6.92 -7.28
N SER A 698 31.35 -6.43 -7.73
CA SER A 698 31.55 -6.15 -9.13
C SER A 698 31.31 -7.39 -10.02
N LYS A 699 31.87 -8.49 -9.60
CA LYS A 699 31.61 -9.74 -10.27
C LYS A 699 30.09 -10.10 -10.35
N GLN A 700 29.41 -10.05 -9.22
CA GLN A 700 27.97 -10.34 -9.23
C GLN A 700 27.19 -9.45 -10.22
N PHE A 701 27.49 -8.14 -10.26
CA PHE A 701 26.87 -7.23 -11.18
C PHE A 701 27.13 -7.64 -12.61
N HIS A 702 28.38 -7.95 -12.93
CA HIS A 702 28.73 -8.21 -14.33
C HIS A 702 28.33 -9.59 -14.80
N GLU A 703 28.28 -10.57 -13.91
CA GLU A 703 27.86 -11.94 -14.30
C GLU A 703 26.43 -12.32 -14.07
N ALA A 704 25.63 -11.45 -13.48
CA ALA A 704 24.21 -11.73 -13.26
C ALA A 704 23.49 -12.08 -14.53
N ASN A 705 22.65 -13.09 -14.45
CA ASN A 705 21.74 -13.41 -15.54
C ASN A 705 20.31 -12.96 -15.27
N ASN A 706 20.13 -12.01 -14.34
CA ASN A 706 18.83 -11.43 -13.99
C ASN A 706 18.97 -10.12 -13.18
N MET A 707 17.92 -9.30 -13.23
CA MET A 707 17.91 -8.02 -12.60
C MET A 707 17.94 -8.11 -11.06
N THR A 708 17.40 -9.17 -10.47
CA THR A 708 17.50 -9.35 -9.02
C THR A 708 18.96 -9.35 -8.55
N ASP A 709 19.76 -10.14 -9.23
CA ASP A 709 21.15 -10.26 -8.87
C ASP A 709 21.91 -9.04 -9.25
N ALA A 710 21.64 -8.44 -10.40
CA ALA A 710 22.39 -7.21 -10.76
C ALA A 710 22.08 -6.04 -9.82
N LEU A 711 20.82 -5.85 -9.48
CA LEU A 711 20.45 -4.73 -8.62
C LEU A 711 20.97 -4.93 -7.20
N ALA A 712 20.97 -6.16 -6.71
CA ALA A 712 21.48 -6.41 -5.36
C ALA A 712 22.98 -6.02 -5.27
N ALA A 713 23.76 -6.41 -6.27
CA ALA A 713 25.14 -5.96 -6.40
C ALA A 713 25.29 -4.43 -6.53
N LEU A 714 24.55 -3.82 -7.45
CA LEU A 714 24.66 -2.41 -7.59
C LEU A 714 24.33 -1.71 -6.23
N SER A 715 23.29 -2.20 -5.57
CA SER A 715 22.83 -1.60 -4.37
CA SER A 715 22.81 -1.61 -4.35
C SER A 715 23.88 -1.72 -3.25
N ALA A 716 24.62 -2.83 -3.23
CA ALA A 716 25.69 -3.03 -2.27
C ALA A 716 26.87 -2.13 -2.54
N ALA A 717 27.18 -1.90 -3.80
CA ALA A 717 28.26 -1.01 -4.14
C ALA A 717 27.95 0.41 -3.66
N VAL A 718 26.68 0.76 -3.75
CA VAL A 718 26.25 2.06 -3.23
C VAL A 718 26.31 2.15 -1.72
N ALA A 719 25.83 1.10 -1.05
CA ALA A 719 25.66 1.14 0.38
C ALA A 719 27.01 1.18 1.07
N ALA A 720 27.98 0.46 0.53
CA ALA A 720 29.33 0.43 1.11
C ALA A 720 30.29 1.40 0.46
N GLN A 721 29.81 2.25 -0.43
CA GLN A 721 30.66 3.21 -1.12
C GLN A 721 31.95 2.57 -1.70
N LEU A 722 31.80 1.46 -2.38
CA LEU A 722 32.92 0.68 -2.86
C LEU A 722 33.55 1.33 -4.07
N PRO A 723 34.83 1.03 -4.31
CA PRO A 723 35.52 1.69 -5.42
C PRO A 723 34.81 1.49 -6.80
N CYS A 724 34.23 0.33 -7.03
CA CYS A 724 33.48 0.07 -8.31
C CYS A 724 32.14 0.89 -8.50
N ARG A 725 31.67 1.56 -7.47
CA ARG A 725 30.35 2.11 -7.49
C ARG A 725 30.16 3.00 -8.71
N ASP A 726 31.04 3.93 -8.93
CA ASP A 726 30.77 4.93 -9.96
C ASP A 726 30.72 4.31 -11.34
N ALA A 727 31.63 3.39 -11.60
CA ALA A 727 31.63 2.71 -12.88
C ALA A 727 30.35 1.90 -13.06
N LEU A 728 29.92 1.17 -12.04
CA LEU A 728 28.70 0.34 -12.18
C LEU A 728 27.45 1.21 -12.37
N MET A 729 27.39 2.34 -11.66
CA MET A 729 26.26 3.20 -11.79
C MET A 729 26.20 3.77 -13.19
N GLN A 730 27.36 4.13 -13.77
CA GLN A 730 27.39 4.73 -15.12
C GLN A 730 27.00 3.65 -16.19
N GLU A 731 27.49 2.43 -16.01
CA GLU A 731 27.14 1.33 -16.88
C GLU A 731 25.66 1.11 -16.90
N TYR A 732 25.01 1.07 -15.74
CA TYR A 732 23.54 0.94 -15.67
C TYR A 732 22.82 2.08 -16.36
N ASP A 733 23.28 3.30 -16.15
CA ASP A 733 22.66 4.47 -16.83
C ASP A 733 22.77 4.26 -18.35
N ASP A 734 23.96 3.95 -18.84
CA ASP A 734 24.20 3.75 -20.24
C ASP A 734 23.39 2.65 -20.84
N LYS A 735 23.20 1.56 -20.09
CA LYS A 735 22.46 0.44 -20.61
C LYS A 735 20.95 0.70 -20.55
N TRP A 736 20.48 1.46 -19.55
CA TRP A 736 19.06 1.41 -19.21
C TRP A 736 18.36 2.74 -19.27
N HIS A 737 19.05 3.83 -19.59
CA HIS A 737 18.41 5.17 -19.58
C HIS A 737 17.09 5.33 -20.31
N GLN A 738 16.89 4.61 -21.39
CA GLN A 738 15.68 4.72 -22.16
C GLN A 738 14.51 4.02 -21.48
N ASN A 739 14.75 3.32 -20.38
CA ASN A 739 13.71 2.55 -19.69
C ASN A 739 13.34 3.12 -18.30
N GLY A 740 12.27 3.89 -18.23
CA GLY A 740 11.91 4.54 -16.99
C GLY A 740 11.76 3.64 -15.77
N LEU A 741 11.10 2.47 -15.92
CA LEU A 741 10.86 1.61 -14.75
C LEU A 741 12.16 1.10 -14.20
N VAL A 742 13.09 0.81 -15.09
CA VAL A 742 14.37 0.31 -14.66
C VAL A 742 15.19 1.47 -14.07
N MET A 743 15.13 2.65 -14.69
CA MET A 743 15.86 3.79 -14.10
C MET A 743 15.28 4.22 -12.71
N ASP A 744 13.99 3.95 -12.46
CA ASP A 744 13.47 4.21 -11.12
C ASP A 744 14.34 3.56 -10.05
N LYS A 745 14.83 2.35 -10.28
CA LYS A 745 15.63 1.66 -9.24
CA LYS A 745 15.64 1.66 -9.25
C LYS A 745 16.96 2.37 -9.00
N TRP A 746 17.51 2.95 -10.06
CA TRP A 746 18.79 3.71 -10.01
C TRP A 746 18.61 5.07 -9.35
N PHE A 747 17.53 5.74 -9.68
CA PHE A 747 17.15 6.96 -8.98
C PHE A 747 16.98 6.73 -7.48
N ILE A 748 16.37 5.64 -7.09
CA ILE A 748 16.24 5.31 -5.65
C ILE A 748 17.59 5.13 -5.01
N LEU A 749 18.51 4.45 -5.70
CA LEU A 749 19.85 4.26 -5.15
C LEU A 749 20.59 5.54 -5.01
N GLN A 750 20.45 6.43 -5.98
CA GLN A 750 21.09 7.74 -5.86
C GLN A 750 20.53 8.49 -4.67
N ALA A 751 19.22 8.51 -4.56
CA ALA A 751 18.53 9.27 -3.51
C ALA A 751 18.81 8.79 -2.11
N THR A 752 19.05 7.49 -1.95
CA THR A 752 19.24 6.88 -0.67
C THR A 752 20.72 6.62 -0.41
N SER A 753 21.61 7.22 -1.22
CA SER A 753 23.04 6.96 -1.07
C SER A 753 23.56 7.53 0.25
N PRO A 754 24.50 6.82 0.88
CA PRO A 754 25.13 7.35 2.10
C PRO A 754 26.24 8.38 1.80
N ALA A 755 26.57 8.62 0.54
CA ALA A 755 27.55 9.62 0.18
C ALA A 755 27.29 10.98 0.80
N ALA A 756 28.39 11.66 1.10
CA ALA A 756 28.32 13.01 1.73
C ALA A 756 27.65 14.04 0.81
N ASN A 757 27.77 13.84 -0.50
CA ASN A 757 27.25 14.80 -1.47
C ASN A 757 25.93 14.35 -2.17
N VAL A 758 25.19 13.48 -1.49
CA VAL A 758 23.96 12.97 -2.04
C VAL A 758 22.97 14.05 -2.52
N LEU A 759 22.81 15.11 -1.75
CA LEU A 759 21.80 16.13 -2.11
C LEU A 759 22.22 16.83 -3.37
N GLU A 760 23.49 17.20 -3.45
CA GLU A 760 24.06 17.74 -4.65
C GLU A 760 23.77 16.77 -5.82
N THR A 761 24.02 15.50 -5.64
CA THR A 761 23.82 14.60 -6.75
C THR A 761 22.33 14.56 -7.19
N VAL A 762 21.44 14.51 -6.22
CA VAL A 762 19.99 14.45 -6.46
C VAL A 762 19.51 15.69 -7.15
N ARG A 763 19.96 16.86 -6.72
CA ARG A 763 19.62 18.09 -7.49
C ARG A 763 20.06 18.04 -8.94
N GLY A 764 21.28 17.58 -9.19
CA GLY A 764 21.79 17.48 -10.59
C GLY A 764 20.88 16.50 -11.39
N LEU A 765 20.40 15.45 -10.72
CA LEU A 765 19.58 14.48 -11.39
C LEU A 765 18.20 15.02 -11.84
N LEU A 766 17.76 16.19 -11.37
CA LEU A 766 16.56 16.77 -11.88
C LEU A 766 16.73 17.13 -13.35
N GLN A 767 17.96 17.22 -13.85
CA GLN A 767 18.20 17.47 -15.25
C GLN A 767 18.57 16.20 -16.01
N HIS A 768 18.58 15.04 -15.35
CA HIS A 768 18.98 13.79 -16.01
C HIS A 768 18.01 13.46 -17.13
N ARG A 769 18.53 12.88 -18.21
CA ARG A 769 17.72 12.48 -19.40
C ARG A 769 16.56 11.53 -19.11
N SER A 770 16.63 10.77 -18.03
CA SER A 770 15.59 9.79 -17.71
C SER A 770 14.62 10.37 -16.64
N PHE A 771 14.88 11.57 -16.12
CA PHE A 771 13.97 12.18 -15.15
C PHE A 771 13.00 13.18 -15.80
N THR A 772 11.77 13.26 -15.27
CA THR A 772 10.93 14.41 -15.56
C THR A 772 9.93 14.59 -14.45
N MET A 773 9.67 15.84 -14.09
CA MET A 773 8.64 16.18 -13.12
C MET A 773 7.21 15.88 -13.61
N SER A 774 6.99 15.64 -14.90
CA SER A 774 5.65 15.27 -15.40
C SER A 774 5.22 13.79 -15.11
N ASN A 775 6.12 12.96 -14.59
CA ASN A 775 5.85 11.59 -14.36
C ASN A 775 5.97 11.25 -12.86
N PRO A 776 4.89 10.84 -12.23
CA PRO A 776 4.93 10.54 -10.83
C PRO A 776 5.88 9.44 -10.40
N ASN A 777 6.11 8.45 -11.23
CA ASN A 777 7.09 7.41 -10.87
C ASN A 777 8.51 7.97 -10.68
N ARG A 778 8.93 8.81 -11.62
CA ARG A 778 10.22 9.47 -11.58
C ARG A 778 10.30 10.38 -10.35
N ILE A 779 9.26 11.17 -10.12
CA ILE A 779 9.22 12.02 -8.95
C ILE A 779 9.40 11.21 -7.70
N ARG A 780 8.65 10.15 -7.56
CA ARG A 780 8.72 9.33 -6.36
C ARG A 780 10.08 8.62 -6.19
N SER A 781 10.66 8.17 -7.30
CA SER A 781 11.92 7.42 -7.24
CA SER A 781 11.91 7.40 -7.24
C SER A 781 13.12 8.30 -6.86
N LEU A 782 13.06 9.59 -7.19
CA LEU A 782 14.20 10.49 -6.91
C LEU A 782 13.89 11.37 -5.73
N ILE A 783 12.81 12.15 -5.82
CA ILE A 783 12.56 13.16 -4.74
C ILE A 783 11.97 12.48 -3.52
N GLY A 784 10.93 11.69 -3.75
CA GLY A 784 10.21 11.01 -2.67
C GLY A 784 11.11 10.01 -1.93
N ALA A 785 12.00 9.35 -2.66
CA ALA A 785 12.95 8.49 -2.03
C ALA A 785 13.98 9.27 -1.17
N PHE A 786 14.46 10.43 -1.64
CA PHE A 786 15.39 11.24 -0.85
C PHE A 786 14.71 11.62 0.46
N ALA A 787 13.52 12.20 0.37
CA ALA A 787 12.85 12.76 1.55
C ALA A 787 12.34 11.69 2.52
N GLY A 788 11.83 10.59 2.00
CA GLY A 788 11.17 9.59 2.81
C GLY A 788 12.01 8.41 3.21
N SER A 789 12.99 8.10 2.37
CA SER A 789 13.82 6.93 2.54
C SER A 789 15.30 7.22 2.80
N ASN A 790 15.73 8.48 2.76
CA ASN A 790 17.04 8.83 3.30
C ASN A 790 16.87 9.87 4.41
N PRO A 791 16.22 9.48 5.50
CA PRO A 791 15.97 10.48 6.57
C PRO A 791 17.29 11.11 7.13
N ALA A 792 18.39 10.37 7.08
CA ALA A 792 19.65 11.01 7.44
C ALA A 792 20.05 12.23 6.61
N ALA A 793 19.95 12.15 5.29
CA ALA A 793 20.24 13.32 4.46
C ALA A 793 19.07 14.30 4.48
N PHE A 794 17.83 13.80 4.43
CA PHE A 794 16.71 14.72 4.43
C PHE A 794 16.78 15.63 5.66
N HIS A 795 17.18 15.04 6.79
CA HIS A 795 17.37 15.75 8.07
C HIS A 795 18.78 16.24 8.36
N ALA A 796 19.57 16.52 7.32
CA ALA A 796 20.87 17.09 7.57
C ALA A 796 20.72 18.32 8.43
N GLU A 797 21.69 18.55 9.30
CA GLU A 797 21.64 19.61 10.34
C GLU A 797 21.54 21.03 9.74
N ASP A 798 22.08 21.25 8.55
CA ASP A 798 21.98 22.54 7.88
C ASP A 798 20.62 22.82 7.31
N GLY A 799 19.68 21.87 7.38
CA GLY A 799 18.34 22.10 6.88
C GLY A 799 18.18 22.11 5.36
N SER A 800 19.20 21.70 4.65
CA SER A 800 19.25 21.70 3.19
C SER A 800 18.20 20.76 2.59
N GLY A 801 17.89 19.72 3.31
CA GLY A 801 16.89 18.78 2.87
C GLY A 801 15.50 19.36 2.82
N TYR A 802 15.18 20.14 3.85
CA TYR A 802 13.86 20.73 3.93
C TYR A 802 13.68 21.77 2.84
N LEU A 803 14.73 22.56 2.57
CA LEU A 803 14.65 23.58 1.55
C LEU A 803 14.46 23.00 0.20
N PHE A 804 15.14 21.91 -0.06
CA PHE A 804 14.99 21.22 -1.33
C PHE A 804 13.57 20.70 -1.51
N LEU A 805 13.04 20.02 -0.50
CA LEU A 805 11.67 19.57 -0.62
C LEU A 805 10.67 20.74 -0.82
N VAL A 806 10.87 21.86 -0.12
CA VAL A 806 9.96 23.01 -0.29
C VAL A 806 9.96 23.46 -1.75
N GLU A 807 11.14 23.50 -2.32
CA GLU A 807 11.29 23.84 -3.72
C GLU A 807 10.53 22.88 -4.65
N MET A 808 10.65 21.57 -4.42
CA MET A 808 9.97 20.60 -5.22
C MET A 808 8.43 20.73 -5.03
N LEU A 809 7.99 20.96 -3.82
CA LEU A 809 6.57 21.00 -3.51
C LEU A 809 5.94 22.25 -4.03
N THR A 810 6.74 23.31 -4.19
CA THR A 810 6.23 24.57 -4.70
C THR A 810 5.84 24.38 -6.16
N ASP A 811 6.60 23.58 -6.91
CA ASP A 811 6.25 23.17 -8.30
C ASP A 811 5.06 22.20 -8.23
N LEU A 812 5.16 21.13 -7.46
CA LEU A 812 4.14 20.08 -7.56
C LEU A 812 2.77 20.48 -6.97
N ASN A 813 2.76 21.43 -6.07
CA ASN A 813 1.47 21.91 -5.57
C ASN A 813 0.57 22.33 -6.72
N SER A 814 1.12 22.92 -7.76
CA SER A 814 0.30 23.38 -8.92
C SER A 814 0.14 22.31 -9.96
N ARG A 815 1.16 21.48 -10.13
CA ARG A 815 1.16 20.51 -11.17
C ARG A 815 0.31 19.27 -10.80
N ASN A 816 0.51 18.70 -9.61
CA ASN A 816 -0.07 17.39 -9.28
C ASN A 816 -0.11 17.31 -7.78
N PRO A 817 -1.20 17.83 -7.22
CA PRO A 817 -1.29 17.90 -5.83
C PRO A 817 -1.29 16.57 -5.13
N GLN A 818 -1.80 15.50 -5.75
CA GLN A 818 -1.71 14.19 -5.06
C GLN A 818 -0.28 13.72 -4.85
N VAL A 819 0.58 13.88 -5.84
CA VAL A 819 1.97 13.48 -5.64
C VAL A 819 2.64 14.45 -4.63
N ALA A 820 2.25 15.72 -4.65
CA ALA A 820 2.70 16.71 -3.67
C ALA A 820 2.38 16.27 -2.25
N SER A 821 1.16 15.82 -2.04
CA SER A 821 0.74 15.43 -0.73
C SER A 821 1.48 14.17 -0.24
N ARG A 822 1.80 13.26 -1.16
CA ARG A 822 2.62 12.10 -0.76
C ARG A 822 3.98 12.55 -0.31
N LEU A 823 4.58 13.44 -1.09
CA LEU A 823 5.92 13.96 -0.78
C LEU A 823 6.04 14.82 0.44
N ILE A 824 4.96 15.49 0.88
CA ILE A 824 5.07 16.32 2.06
C ILE A 824 5.13 15.50 3.36
N GLU A 825 4.76 14.23 3.32
CA GLU A 825 4.62 13.45 4.56
C GLU A 825 5.86 13.57 5.51
N PRO A 826 7.09 13.43 5.01
CA PRO A 826 8.24 13.54 5.93
C PRO A 826 8.29 14.84 6.74
N LEU A 827 7.76 15.92 6.19
CA LEU A 827 7.82 17.20 6.87
C LEU A 827 6.81 17.30 7.96
N ILE A 828 5.73 16.53 7.86
CA ILE A 828 4.71 16.66 8.86
C ILE A 828 4.99 15.86 10.14
N ARG A 829 6.08 15.13 10.15
CA ARG A 829 6.42 14.34 11.30
C ARG A 829 7.32 15.14 12.25
N LEU A 830 7.34 16.46 12.13
CA LEU A 830 8.35 17.26 12.77
C LEU A 830 8.39 17.11 14.29
N LYS A 831 7.27 16.80 14.91
CA LYS A 831 7.33 16.69 16.37
C LYS A 831 8.04 15.42 16.91
N ARG A 832 8.49 14.53 16.01
CA ARG A 832 9.28 13.36 16.40
CA ARG A 832 9.26 13.36 16.39
C ARG A 832 10.72 13.74 16.54
N TYR A 833 11.07 14.96 16.08
CA TYR A 833 12.48 15.34 15.96
C TYR A 833 12.86 16.36 17.05
N ASP A 834 14.13 16.65 17.13
CA ASP A 834 14.67 17.54 18.16
C ASP A 834 14.27 18.94 17.84
N ALA A 835 14.39 19.79 18.82
CA ALA A 835 13.92 21.19 18.74
C ALA A 835 14.44 21.98 17.56
N LYS A 836 15.72 21.85 17.29
CA LYS A 836 16.34 22.64 16.28
C LYS A 836 15.82 22.21 14.88
N ARG A 837 15.68 20.89 14.69
CA ARG A 837 15.05 20.36 13.48
C ARG A 837 13.61 20.80 13.36
N GLN A 838 12.84 20.71 14.44
CA GLN A 838 11.46 21.17 14.41
C GLN A 838 11.31 22.57 13.94
N GLU A 839 12.19 23.42 14.43
CA GLU A 839 12.14 24.81 14.08
C GLU A 839 12.28 24.99 12.57
N LYS A 840 13.20 24.25 11.96
CA LYS A 840 13.42 24.45 10.53
C LYS A 840 12.28 23.82 9.71
N MET A 841 11.70 22.77 10.26
CA MET A 841 10.64 22.03 9.56
C MET A 841 9.38 22.91 9.60
N ARG A 842 9.12 23.52 10.77
CA ARG A 842 7.99 24.49 10.92
CA ARG A 842 7.99 24.46 10.94
C ARG A 842 8.15 25.62 9.93
N ALA A 843 9.37 26.17 9.81
CA ALA A 843 9.63 27.26 8.87
C ALA A 843 9.36 26.85 7.37
N ALA A 844 9.79 25.64 7.01
CA ALA A 844 9.44 25.05 5.72
C ALA A 844 7.95 24.91 5.56
N LEU A 845 7.27 24.38 6.54
CA LEU A 845 5.84 24.24 6.45
C LEU A 845 5.12 25.60 6.37
N GLU A 846 5.57 26.59 7.14
CA GLU A 846 4.99 27.98 7.05
C GLU A 846 5.25 28.53 5.66
N GLN A 847 6.35 28.21 5.02
CA GLN A 847 6.50 28.74 3.70
C GLN A 847 5.48 28.15 2.70
N LEU A 848 5.29 26.85 2.76
CA LEU A 848 4.32 26.17 1.93
C LEU A 848 2.91 26.65 2.19
N LYS A 849 2.60 26.87 3.44
CA LYS A 849 1.31 27.40 3.81
C LYS A 849 0.98 28.72 3.14
N GLY A 850 1.98 29.52 2.93
CA GLY A 850 1.74 30.79 2.26
C GLY A 850 1.74 30.72 0.73
N LEU A 851 1.75 29.53 0.12
CA LEU A 851 1.81 29.48 -1.36
C LEU A 851 0.53 30.06 -1.92
N GLU A 852 0.65 30.83 -3.00
CA GLU A 852 -0.56 31.11 -3.79
C GLU A 852 -1.16 29.80 -4.35
N ASN A 853 -2.47 29.72 -4.34
CA ASN A 853 -3.22 28.56 -4.86
C ASN A 853 -2.74 27.28 -4.18
N LEU A 854 -2.71 27.33 -2.84
CA LEU A 854 -2.32 26.17 -2.07
C LEU A 854 -3.42 25.12 -2.26
N SER A 855 -3.06 23.92 -2.71
CA SER A 855 -4.05 22.86 -2.90
C SER A 855 -4.65 22.46 -1.54
N GLY A 856 -5.91 22.05 -1.56
CA GLY A 856 -6.55 21.43 -0.45
C GLY A 856 -5.75 20.25 0.11
N ASP A 857 -5.18 19.45 -0.77
CA ASP A 857 -4.43 18.28 -0.41
C ASP A 857 -3.30 18.70 0.56
N LEU A 858 -2.48 19.69 0.20
CA LEU A 858 -1.42 20.15 1.10
C LEU A 858 -1.94 20.89 2.30
N TYR A 859 -2.96 21.72 2.10
CA TYR A 859 -3.59 22.51 3.19
C TYR A 859 -3.97 21.64 4.38
N GLU A 860 -4.64 20.53 4.10
CA GLU A 860 -5.06 19.68 5.19
C GLU A 860 -3.90 19.16 6.04
N LYS A 861 -2.85 18.70 5.37
CA LYS A 861 -1.70 18.20 6.08
C LYS A 861 -0.91 19.30 6.82
N ILE A 862 -0.69 20.42 6.14
CA ILE A 862 0.07 21.53 6.67
C ILE A 862 -0.61 22.08 7.95
N THR A 863 -1.94 22.21 7.91
CA THR A 863 -2.76 22.70 9.02
C THR A 863 -2.62 21.75 10.23
N LYS A 864 -2.75 20.44 10.03
CA LYS A 864 -2.52 19.51 11.14
C LYS A 864 -1.09 19.58 11.70
N ALA A 865 -0.09 19.65 10.82
CA ALA A 865 1.29 19.65 11.28
C ALA A 865 1.66 20.88 12.09
N LEU A 866 1.10 22.04 11.71
CA LEU A 866 1.43 23.31 12.30
C LEU A 866 0.57 23.56 13.55
N ALA A 867 -0.39 22.69 13.84
CA ALA A 867 -1.17 22.82 15.06
C ALA A 867 -0.33 22.42 16.28
ZN ZN B . -7.74 -1.44 -3.25
NA NA C . 2.27 -20.58 0.92
NA NA D . 8.97 4.62 11.95
NA NA E . -29.34 4.28 -8.39
NA NA F . -14.20 -0.73 -5.75
NA NA G . -24.98 10.24 -24.52
NA NA H . -19.87 24.89 -11.52
NA NA I . 9.71 -7.88 18.10
NA NA J . -12.47 -15.83 -9.60
N DAB K . -8.87 1.78 -5.29
CA DAB K . -7.43 1.59 -5.76
C DAB K . -6.72 0.42 -5.04
O DAB K . -7.13 0.02 -4.02
CB DAB K . -6.68 2.93 -5.61
CG DAB K . -5.26 2.92 -4.97
ND DAB K . -4.80 4.30 -4.54
OXT DAB K . -5.63 -0.21 -5.45
C1 GOL L . -12.42 6.19 20.27
O1 GOL L . -13.62 5.54 19.78
C2 GOL L . -12.55 6.87 21.62
O2 GOL L . -13.14 5.95 22.58
C3 GOL L . -13.31 8.23 21.45
O3 GOL L . -12.57 9.16 20.61
#